data_4JJJ
#
_entry.id   4JJJ
#
_cell.length_a   56.458
_cell.length_b   88.494
_cell.length_c   66.753
_cell.angle_alpha   90.00
_cell.angle_beta   113.72
_cell.angle_gamma   90.00
#
_symmetry.space_group_name_H-M   'P 1 21 1'
#
loop_
_entity.id
_entity.type
_entity.pdbx_description
1 polymer 'Cellulose 1,4-beta-cellobiosidase'
2 branched beta-D-glucopyranose-(1-4)-beta-D-glucopyranose
3 branched beta-D-glucopyranose-(1-4)-alpha-D-glucopyranose
4 branched beta-D-glucopyranose-(1-4)-beta-D-glucopyranose-(1-4)-beta-D-glucopyranose-(1-4)-beta-D-glucopyranose-(1-4)-beta-D-glucopyranose-(1-4)-beta-D-glucopyranose
5 non-polymer 'CALCIUM ION'
6 non-polymer 'SODIUM ION'
7 non-polymer 'FE (III) ION'
8 non-polymer 'ZINC ION'
9 non-polymer 'ACETATE ION'
10 non-polymer 1,2-ETHANEDIOL
11 water water
#
_entity_poly.entity_id   1
_entity_poly.type   'polypeptide(L)'
_entity_poly.pdbx_seq_one_letter_code
;SYDQAFLEQYEKIKDPASGYFREFNGLLVPYHSVETMIVEAPDHGHQTTSEAFSYYLWLEAYYGRVTGDWKPLHDAWESM
ETFIIPGTKDQPTNSAYNPNSPATYIPEQPNADGYPSPLMNNVPVGQDPLAQELSSTYGTNEIYGMHWLLDVDNVYGFGF
CGDGTDDAPAYINTYQRGARESVWETIPHPSCDDFTHGGPNGYLDLFTDDQNYAKQWRYTNAPNADARAVQVMFWAHEWA
KEQGKENEIAGLMDKASKMGDYLRYAMFDKYFKKIGNCVGATSCPGGQGKDSAHYLLSWYYSWGGSLDTSSAWAWRIGSS
SSHQGYQNVLAAYALSQVPELQPDSPTGVQDWATSFDRQLEFLQWLQSAEGGIAGGATNSWKGSYDTPPTGLSQFYGMYY
DWQPVWNDPPSNNWFGFQVWNMERVAQLYYVTGDARAEAILDKWVPWAIQHTDVDADNGGQNFQVPSDLEWSGQPDTWTG
TYTGNPNLHVQVVSYSQDVGVTAALAKTLMYYAKRSGDTTALATAEGLLDALLAHRDSIGIATPEQPSWDRLDDPWDGSE
GLYVPPGWSGTMPNGDRIEPGATFLSIRSFYKNDPLWPQVEAHLNDPQNVPAPIVERHRFWAQVEIATAFAAHDELFGAG
AP
;
_entity_poly.pdbx_strand_id   A
#
# COMPACT_ATOMS: atom_id res chain seq x y z
N SER A 1 25.02 16.38 -13.64
CA SER A 1 24.66 14.94 -13.80
C SER A 1 23.27 14.66 -13.18
N TYR A 2 22.75 13.44 -13.48
CA TYR A 2 21.56 13.06 -12.74
C TYR A 2 21.90 12.74 -11.30
N ASP A 3 23.15 12.38 -10.95
CA ASP A 3 23.47 12.17 -9.55
C ASP A 3 23.42 13.57 -8.86
N GLN A 4 23.76 14.65 -9.56
CA GLN A 4 23.58 16.05 -9.03
C GLN A 4 22.10 16.39 -8.83
N ALA A 5 21.32 15.89 -9.80
CA ALA A 5 19.81 16.09 -9.71
C ALA A 5 19.27 15.30 -8.55
N PHE A 6 19.73 14.05 -8.38
CA PHE A 6 19.34 13.27 -7.20
C PHE A 6 19.65 14.08 -5.94
N LEU A 7 20.89 14.54 -5.83
CA LEU A 7 21.26 15.12 -4.54
C LEU A 7 20.44 16.42 -4.32
N GLU A 8 20.14 17.15 -5.36
CA GLU A 8 19.34 18.38 -5.23
C GLU A 8 17.95 18.07 -4.69
N GLN A 9 17.31 17.11 -5.34
CA GLN A 9 15.98 16.67 -4.91
C GLN A 9 15.99 16.10 -3.50
N TYR A 10 16.96 15.20 -3.17
CA TYR A 10 17.18 14.68 -1.86
C TYR A 10 17.22 15.83 -0.85
N GLU A 11 18.08 16.84 -1.12
CA GLU A 11 18.23 17.97 -0.22
C GLU A 11 16.96 18.71 0.04
N LYS A 12 16.18 18.91 -0.98
CA LYS A 12 14.84 19.52 -0.80
C LYS A 12 13.90 18.74 0.13
N ILE A 13 13.90 17.42 -0.08
CA ILE A 13 13.03 16.53 0.70
C ILE A 13 13.46 16.61 2.15
N LYS A 14 14.77 16.65 2.42
CA LYS A 14 15.31 16.54 3.77
C LYS A 14 15.48 17.95 4.45
N ASP A 15 15.30 19.03 3.70
CA ASP A 15 15.42 20.37 4.31
C ASP A 15 14.18 20.68 5.15
N PRO A 16 14.35 20.88 6.47
CA PRO A 16 13.15 21.09 7.30
C PRO A 16 12.23 22.21 6.84
N ALA A 17 12.77 23.20 6.15
CA ALA A 17 11.94 24.32 5.64
C ALA A 17 10.96 23.85 4.59
N SER A 18 11.24 22.75 3.88
CA SER A 18 10.34 22.23 2.91
C SER A 18 9.06 21.63 3.55
N GLY A 19 9.16 21.10 4.74
CA GLY A 19 8.01 20.59 5.45
C GLY A 19 7.56 19.17 5.12
N TYR A 20 8.46 18.30 4.65
CA TYR A 20 8.07 16.90 4.36
C TYR A 20 7.89 16.01 5.62
N PHE A 21 8.50 16.38 6.74
CA PHE A 21 8.58 15.54 7.89
C PHE A 21 8.22 16.27 9.19
N ARG A 22 7.85 15.50 10.21
N ARG A 22 7.85 15.50 10.21
CA ARG A 22 7.85 15.99 11.60
CA ARG A 22 7.82 15.99 11.60
C ARG A 22 8.92 15.24 12.36
C ARG A 22 8.91 15.24 12.36
N GLU A 23 9.70 15.97 13.19
CA GLU A 23 10.77 15.39 13.95
C GLU A 23 10.24 15.17 15.35
N PHE A 24 10.49 13.99 15.82
CA PHE A 24 10.21 13.53 17.20
C PHE A 24 11.52 13.02 17.79
N ASN A 25 12.08 13.79 18.73
N ASN A 25 12.05 13.85 18.70
CA ASN A 25 13.33 13.39 19.43
CA ASN A 25 13.33 13.59 19.38
C ASN A 25 14.50 12.91 18.53
C ASN A 25 14.39 12.92 18.51
N GLY A 26 14.78 13.63 17.46
CA GLY A 26 15.89 13.24 16.60
C GLY A 26 15.54 12.31 15.45
N LEU A 27 14.29 11.82 15.46
CA LEU A 27 13.85 10.86 14.41
C LEU A 27 12.81 11.54 13.56
N LEU A 28 12.78 11.20 12.27
CA LEU A 28 11.89 11.84 11.32
C LEU A 28 10.74 10.91 10.92
N VAL A 29 9.58 11.52 10.86
CA VAL A 29 8.36 10.86 10.40
C VAL A 29 7.83 11.65 9.19
N PRO A 30 7.83 11.01 8.01
CA PRO A 30 7.35 11.74 6.82
C PRO A 30 5.85 11.89 6.83
N TYR A 31 5.36 12.99 6.32
CA TYR A 31 3.94 13.17 6.05
C TYR A 31 3.61 12.53 4.74
N HIS A 32 2.30 12.29 4.51
CA HIS A 32 1.82 11.86 3.18
C HIS A 32 2.20 12.89 2.12
N SER A 33 2.01 14.16 2.50
CA SER A 33 2.34 15.31 1.61
C SER A 33 2.61 16.55 2.39
N VAL A 34 3.30 17.49 1.74
CA VAL A 34 3.57 18.77 2.37
C VAL A 34 2.26 19.52 2.63
N GLU A 35 1.38 19.51 1.64
CA GLU A 35 0.08 20.15 1.68
C GLU A 35 -0.85 19.31 2.53
N THR A 36 -1.74 19.95 3.32
CA THR A 36 -2.61 19.27 4.20
C THR A 36 -3.92 18.80 3.60
N MET A 37 -4.45 19.55 2.64
N MET A 37 -4.44 19.53 2.63
CA MET A 37 -5.82 19.23 2.07
CA MET A 37 -5.79 19.20 2.08
C MET A 37 -5.68 18.31 0.86
C MET A 37 -5.68 18.31 0.86
N ILE A 38 -5.86 17.03 1.13
CA ILE A 38 -5.67 16.01 0.14
C ILE A 38 -6.45 14.79 0.60
N VAL A 39 -7.26 14.23 -0.30
CA VAL A 39 -8.16 13.16 0.04
C VAL A 39 -8.14 12.11 -1.11
N GLU A 40 -7.48 10.97 -0.85
CA GLU A 40 -7.25 10.02 -1.97
C GLU A 40 -7.08 8.59 -1.54
N ALA A 41 -6.39 8.35 -0.44
CA ALA A 41 -6.19 7.06 0.16
C ALA A 41 -6.09 7.25 1.66
N PRO A 42 -5.10 8.01 2.16
CA PRO A 42 -5.28 8.77 3.40
C PRO A 42 -6.28 9.89 3.07
N ASP A 43 -6.77 10.53 4.12
CA ASP A 43 -7.72 11.61 3.92
C ASP A 43 -7.27 12.93 4.51
N HIS A 44 -6.01 13.03 4.86
CA HIS A 44 -5.37 14.26 5.32
C HIS A 44 -3.91 14.19 5.00
N GLY A 45 -3.31 15.32 4.56
CA GLY A 45 -1.90 15.33 4.13
C GLY A 45 -0.94 15.02 5.20
N HIS A 46 -1.27 15.34 6.47
CA HIS A 46 -0.34 15.08 7.53
C HIS A 46 -0.76 13.90 8.39
N GLN A 47 -1.60 13.00 7.81
CA GLN A 47 -1.47 11.65 8.11
C GLN A 47 -0.18 11.18 7.51
N THR A 48 0.26 9.99 7.79
CA THR A 48 1.24 9.31 7.00
C THR A 48 0.94 7.81 6.99
N THR A 49 1.77 7.11 6.26
CA THR A 49 1.49 5.76 5.82
C THR A 49 2.70 4.90 5.89
N SER A 50 2.49 3.61 5.93
CA SER A 50 3.59 2.69 5.82
C SER A 50 4.21 2.83 4.41
N GLU A 51 3.42 3.18 3.42
CA GLU A 51 3.93 3.52 2.15
C GLU A 51 5.02 4.59 2.27
N ALA A 52 4.69 5.70 2.90
CA ALA A 52 5.68 6.79 3.03
C ALA A 52 6.95 6.33 3.67
N PHE A 53 6.80 5.49 4.73
CA PHE A 53 8.02 4.96 5.35
C PHE A 53 8.85 4.07 4.44
N SER A 54 8.18 3.30 3.57
CA SER A 54 8.94 2.48 2.62
C SER A 54 9.70 3.33 1.64
N TYR A 55 9.11 4.47 1.23
CA TYR A 55 9.76 5.39 0.36
C TYR A 55 10.91 6.17 1.06
N TYR A 56 10.74 6.43 2.35
CA TYR A 56 11.78 7.07 3.15
C TYR A 56 13.00 6.17 3.18
N LEU A 57 12.78 4.89 3.35
CA LEU A 57 13.88 3.88 3.28
C LEU A 57 14.53 4.00 1.92
N TRP A 58 13.71 3.98 0.84
CA TRP A 58 14.23 4.00 -0.51
C TRP A 58 15.15 5.20 -0.76
N LEU A 59 14.73 6.40 -0.26
CA LEU A 59 15.50 7.59 -0.46
C LEU A 59 16.84 7.49 0.26
N GLU A 60 16.82 7.02 1.50
CA GLU A 60 18.08 6.89 2.22
C GLU A 60 18.96 5.79 1.72
N ALA A 61 18.36 4.77 1.08
CA ALA A 61 19.25 3.72 0.53
C ALA A 61 20.02 4.29 -0.66
N TYR A 62 19.37 5.04 -1.53
CA TYR A 62 20.05 5.72 -2.64
C TYR A 62 21.03 6.75 -2.11
N TYR A 63 20.74 7.42 -1.03
CA TYR A 63 21.73 8.26 -0.40
C TYR A 63 22.97 7.48 0.00
N GLY A 64 22.81 6.33 0.62
CA GLY A 64 23.95 5.43 0.84
C GLY A 64 24.71 5.03 -0.35
N ARG A 65 24.03 4.74 -1.44
CA ARG A 65 24.70 4.39 -2.70
C ARG A 65 25.60 5.50 -3.17
N VAL A 66 25.06 6.69 -3.11
CA VAL A 66 25.70 7.82 -3.73
C VAL A 66 26.86 8.31 -2.81
N THR A 67 26.72 8.22 -1.53
CA THR A 67 27.68 8.84 -0.60
C THR A 67 28.49 7.87 0.22
N GLY A 68 28.10 6.62 0.30
CA GLY A 68 28.60 5.65 1.28
C GLY A 68 28.25 5.83 2.69
N ASP A 69 27.34 6.74 3.04
CA ASP A 69 26.90 6.96 4.40
C ASP A 69 25.57 6.26 4.58
N TRP A 70 25.63 5.17 5.34
CA TRP A 70 24.44 4.37 5.67
C TRP A 70 23.71 4.78 6.93
N LYS A 71 24.13 5.82 7.69
N LYS A 71 24.15 5.84 7.60
CA LYS A 71 23.45 6.13 8.96
CA LYS A 71 23.57 6.19 8.84
C LYS A 71 22.04 6.71 8.69
C LYS A 71 22.12 6.65 8.63
N PRO A 72 21.84 7.49 7.61
CA PRO A 72 20.43 7.94 7.42
C PRO A 72 19.47 6.76 7.17
N LEU A 73 19.91 5.73 6.47
CA LEU A 73 19.03 4.54 6.35
C LEU A 73 18.73 3.90 7.70
N HIS A 74 19.74 3.74 8.57
N HIS A 74 19.76 3.80 8.50
CA HIS A 74 19.52 3.27 9.98
CA HIS A 74 19.60 3.30 9.83
C HIS A 74 18.51 4.14 10.73
C HIS A 74 18.58 4.05 10.65
N ASP A 75 18.68 5.44 10.65
N ASP A 75 18.66 5.36 10.59
CA ASP A 75 17.77 6.40 11.26
CA ASP A 75 17.74 6.21 11.31
C ASP A 75 16.30 6.14 10.80
C ASP A 75 16.30 6.24 10.77
N ALA A 76 16.13 5.94 9.49
CA ALA A 76 14.81 5.77 8.87
C ALA A 76 14.19 4.44 9.40
N TRP A 77 15.01 3.39 9.45
N TRP A 77 14.97 3.34 9.46
CA TRP A 77 14.57 2.14 10.01
CA TRP A 77 14.44 2.08 10.06
C TRP A 77 14.20 2.31 11.50
C TRP A 77 14.02 2.28 11.49
N GLU A 78 15.04 3.02 12.28
N GLU A 78 14.88 2.98 12.23
CA GLU A 78 14.70 3.30 13.67
CA GLU A 78 14.62 3.21 13.63
C GLU A 78 13.38 4.03 13.83
C GLU A 78 13.36 4.04 13.84
N SER A 79 13.13 5.03 12.96
CA SER A 79 11.91 5.75 13.00
C SER A 79 10.71 4.83 12.77
N MET A 80 10.75 4.01 11.70
N MET A 80 10.77 4.04 11.71
CA MET A 80 9.74 2.97 11.41
CA MET A 80 9.77 3.04 11.43
C MET A 80 9.45 2.10 12.66
C MET A 80 9.47 2.13 12.66
N GLU A 81 10.51 1.54 13.27
CA GLU A 81 10.35 0.69 14.48
C GLU A 81 9.76 1.42 15.63
N THR A 82 10.03 2.69 15.77
CA THR A 82 9.55 3.47 16.86
C THR A 82 8.11 3.90 16.75
N PHE A 83 7.69 4.19 15.51
CA PHE A 83 6.45 4.92 15.31
C PHE A 83 5.35 4.18 14.56
N ILE A 84 5.67 3.18 13.77
CA ILE A 84 4.65 2.56 12.92
C ILE A 84 4.61 1.01 12.96
N ILE A 85 5.62 0.35 13.50
CA ILE A 85 5.53 -1.07 13.79
C ILE A 85 5.05 -1.11 15.24
N PRO A 86 3.81 -1.53 15.51
CA PRO A 86 3.31 -1.44 16.85
C PRO A 86 4.24 -2.06 17.86
N GLY A 87 4.47 -1.31 18.97
CA GLY A 87 5.30 -1.90 20.01
C GLY A 87 4.49 -2.71 20.98
N THR A 88 5.10 -3.20 22.05
CA THR A 88 4.36 -4.03 23.00
C THR A 88 3.15 -3.26 23.61
N LYS A 89 3.36 -2.01 23.97
N LYS A 89 3.30 -2.01 23.98
CA LYS A 89 2.28 -1.16 24.46
CA LYS A 89 2.15 -1.29 24.55
C LYS A 89 1.12 -1.11 23.51
C LYS A 89 1.12 -0.91 23.52
N ASP A 90 1.44 -1.05 22.22
CA ASP A 90 0.43 -0.91 21.18
C ASP A 90 -0.29 -2.22 20.81
N GLN A 91 0.41 -3.35 20.89
CA GLN A 91 -0.17 -4.68 20.63
C GLN A 91 0.14 -5.63 21.79
N PRO A 92 -0.53 -5.38 22.95
CA PRO A 92 -0.05 -6.03 24.21
C PRO A 92 -0.50 -7.44 24.54
N THR A 93 -1.53 -7.94 23.84
CA THR A 93 -2.16 -9.22 24.26
C THR A 93 -2.11 -10.32 23.19
N ASN A 94 -1.04 -10.40 22.40
CA ASN A 94 -0.91 -11.48 21.46
C ASN A 94 -0.80 -12.86 22.16
N SER A 95 -0.46 -12.92 23.43
CA SER A 95 -0.37 -14.26 24.11
C SER A 95 -1.68 -14.99 24.15
N ALA A 96 -2.76 -14.27 24.06
CA ALA A 96 -4.09 -14.85 24.00
C ALA A 96 -4.47 -15.45 22.67
N TYR A 97 -3.65 -15.19 21.64
CA TYR A 97 -4.00 -15.65 20.32
C TYR A 97 -3.93 -17.16 20.30
N ASN A 98 -4.88 -17.75 19.59
CA ASN A 98 -4.94 -19.20 19.36
C ASN A 98 -4.89 -19.51 17.85
N PRO A 99 -3.75 -19.98 17.37
CA PRO A 99 -3.66 -20.14 15.91
C PRO A 99 -4.59 -21.23 15.35
N ASN A 100 -5.04 -22.15 16.23
CA ASN A 100 -6.05 -23.07 15.82
C ASN A 100 -7.46 -22.50 15.69
N SER A 101 -7.68 -21.30 16.21
N SER A 101 -7.67 -21.29 16.18
CA SER A 101 -8.94 -20.61 16.05
CA SER A 101 -8.95 -20.58 16.11
C SER A 101 -8.58 -19.12 15.88
C SER A 101 -8.68 -19.07 15.85
N PRO A 102 -8.17 -18.79 14.66
CA PRO A 102 -7.61 -17.45 14.44
C PRO A 102 -8.49 -16.29 14.53
N ALA A 103 -9.78 -16.46 14.22
CA ALA A 103 -10.70 -15.36 14.08
C ALA A 103 -12.08 -15.96 13.99
N THR A 104 -13.10 -15.13 14.22
CA THR A 104 -14.48 -15.45 13.92
C THR A 104 -14.89 -14.79 12.64
N TYR A 105 -15.50 -15.54 11.73
CA TYR A 105 -15.97 -14.95 10.52
C TYR A 105 -17.00 -13.82 10.69
N ILE A 106 -16.80 -12.74 9.93
CA ILE A 106 -17.80 -11.70 9.78
C ILE A 106 -17.92 -11.47 8.27
N PRO A 107 -19.10 -11.52 7.71
CA PRO A 107 -19.16 -11.29 6.25
C PRO A 107 -18.94 -9.86 5.88
N GLU A 108 -18.26 -9.61 4.78
CA GLU A 108 -18.27 -8.27 4.24
C GLU A 108 -19.64 -8.00 3.65
N GLN A 109 -20.06 -6.76 3.67
CA GLN A 109 -21.40 -6.43 3.17
C GLN A 109 -21.29 -5.65 1.86
N PRO A 110 -22.35 -5.65 1.05
CA PRO A 110 -22.21 -4.96 -0.26
C PRO A 110 -22.14 -3.43 -0.26
N ASN A 111 -22.65 -2.79 0.80
CA ASN A 111 -22.53 -1.38 0.97
C ASN A 111 -22.42 -1.06 2.46
N ALA A 112 -22.02 0.18 2.75
CA ALA A 112 -21.73 0.66 4.10
C ALA A 112 -22.92 0.51 5.08
N ASP A 113 -24.11 0.58 4.51
CA ASP A 113 -25.35 0.36 5.28
C ASP A 113 -25.54 -1.04 5.80
N GLY A 114 -24.70 -1.99 5.37
CA GLY A 114 -24.69 -3.31 5.99
C GLY A 114 -23.97 -3.50 7.31
N TYR A 115 -23.33 -2.41 7.78
CA TYR A 115 -22.51 -2.44 8.94
C TYR A 115 -23.25 -1.73 10.05
N PRO A 116 -23.11 -2.20 11.27
CA PRO A 116 -22.24 -3.24 11.72
C PRO A 116 -22.65 -4.63 11.30
N SER A 117 -21.63 -5.43 10.89
CA SER A 117 -21.79 -6.77 10.35
C SER A 117 -21.57 -7.78 11.46
N PRO A 118 -22.45 -8.84 11.51
CA PRO A 118 -22.39 -9.78 12.63
C PRO A 118 -21.34 -10.89 12.54
N LEU A 119 -20.93 -11.32 13.69
CA LEU A 119 -20.20 -12.57 13.82
C LEU A 119 -21.04 -13.77 13.44
N MET A 120 -20.43 -14.71 12.72
N MET A 120 -20.46 -14.72 12.73
CA MET A 120 -21.09 -15.97 12.31
CA MET A 120 -21.20 -15.93 12.34
C MET A 120 -20.23 -17.17 12.74
C MET A 120 -20.39 -17.18 12.64
N ASN A 121 -20.60 -17.78 13.83
CA ASN A 121 -19.84 -18.94 14.29
C ASN A 121 -19.98 -20.23 13.49
N ASN A 122 -20.97 -20.31 12.63
CA ASN A 122 -21.20 -21.54 11.78
C ASN A 122 -20.31 -21.57 10.56
N VAL A 123 -19.52 -20.52 10.32
CA VAL A 123 -18.64 -20.50 9.15
C VAL A 123 -17.28 -20.99 9.58
N PRO A 124 -16.81 -22.10 9.01
CA PRO A 124 -15.51 -22.62 9.36
C PRO A 124 -14.34 -21.65 9.02
N VAL A 125 -13.46 -21.49 9.99
CA VAL A 125 -12.18 -20.77 9.87
C VAL A 125 -11.05 -21.80 9.98
N GLY A 126 -10.07 -21.63 9.09
CA GLY A 126 -8.92 -22.52 9.12
C GLY A 126 -7.92 -22.28 10.21
N GLN A 127 -6.91 -23.12 10.22
CA GLN A 127 -5.80 -23.01 11.15
C GLN A 127 -4.77 -22.01 10.52
N ASP A 128 -4.22 -21.18 11.38
CA ASP A 128 -3.08 -20.36 10.98
C ASP A 128 -1.79 -21.11 11.13
N PRO A 129 -1.06 -21.34 10.02
CA PRO A 129 0.15 -22.17 10.04
C PRO A 129 1.41 -21.39 10.19
N LEU A 130 1.29 -20.07 10.42
CA LEU A 130 2.44 -19.24 10.56
C LEU A 130 2.77 -18.87 12.01
N ALA A 131 1.76 -18.71 12.86
CA ALA A 131 1.97 -18.02 14.14
C ALA A 131 3.02 -18.71 15.07
N GLN A 132 2.84 -20.02 15.23
N GLN A 132 2.94 -20.02 15.15
CA GLN A 132 3.67 -20.76 16.16
CA GLN A 132 3.91 -20.78 15.95
C GLN A 132 5.11 -20.75 15.64
C GLN A 132 5.34 -20.78 15.38
N GLU A 133 5.27 -20.87 14.31
N GLU A 133 5.43 -20.93 14.06
CA GLU A 133 6.59 -20.84 13.71
CA GLU A 133 6.70 -20.83 13.44
C GLU A 133 7.29 -19.49 13.85
C GLU A 133 7.33 -19.48 13.74
N LEU A 134 6.52 -18.42 13.64
CA LEU A 134 7.07 -17.05 13.89
C LEU A 134 7.49 -16.85 15.36
N SER A 135 6.66 -17.33 16.27
CA SER A 135 6.97 -17.20 17.69
C SER A 135 8.23 -17.98 18.02
N SER A 136 8.36 -19.19 17.49
N SER A 136 8.38 -19.20 17.51
CA SER A 136 9.55 -19.99 17.70
CA SER A 136 9.60 -20.00 17.63
C SER A 136 10.76 -19.43 17.03
C SER A 136 10.78 -19.22 17.12
N THR A 137 10.60 -18.67 15.93
CA THR A 137 11.73 -18.14 15.26
C THR A 137 12.26 -16.84 15.96
N TYR A 138 11.33 -15.99 16.40
CA TYR A 138 11.67 -14.65 16.84
C TYR A 138 11.62 -14.42 18.35
N GLY A 139 11.07 -15.41 19.04
CA GLY A 139 10.98 -15.37 20.54
C GLY A 139 10.01 -14.38 21.10
N THR A 140 8.97 -14.03 20.32
CA THR A 140 7.90 -13.13 20.72
C THR A 140 6.61 -13.51 19.97
N ASN A 141 5.47 -13.23 20.54
CA ASN A 141 4.20 -13.43 19.90
C ASN A 141 3.75 -12.18 19.11
N GLU A 142 4.50 -11.09 19.14
CA GLU A 142 4.15 -9.88 18.52
C GLU A 142 4.36 -10.01 16.97
N ILE A 143 3.70 -9.13 16.22
CA ILE A 143 3.81 -9.07 14.70
C ILE A 143 4.83 -8.01 14.44
N TYR A 144 5.81 -8.28 13.58
CA TYR A 144 6.74 -7.32 13.09
C TYR A 144 6.36 -6.93 11.62
N GLY A 145 5.47 -5.97 11.56
CA GLY A 145 4.89 -5.46 10.30
C GLY A 145 4.42 -4.07 10.54
N MET A 146 4.51 -3.20 9.51
CA MET A 146 3.97 -1.83 9.70
C MET A 146 2.46 -1.81 9.76
N HIS A 147 1.88 -1.00 10.65
CA HIS A 147 0.49 -0.58 10.49
C HIS A 147 0.40 0.46 9.38
N TRP A 148 -0.77 0.58 8.73
CA TRP A 148 -0.77 1.32 7.46
C TRP A 148 -0.85 2.84 7.58
N LEU A 149 -1.42 3.34 8.64
CA LEU A 149 -1.87 4.77 8.71
C LEU A 149 -1.66 5.33 10.10
N LEU A 150 -0.95 6.47 10.13
CA LEU A 150 -0.75 7.31 11.34
C LEU A 150 -1.32 8.68 11.13
N ASP A 151 -1.62 9.34 12.24
CA ASP A 151 -1.97 10.75 12.25
C ASP A 151 -0.78 11.50 12.87
N VAL A 152 0.08 12.04 12.03
CA VAL A 152 1.39 12.57 12.49
C VAL A 152 1.27 13.85 13.39
N ASP A 153 0.41 14.77 13.00
CA ASP A 153 0.18 16.01 13.77
C ASP A 153 -0.99 15.87 14.73
N ASN A 154 -1.61 14.71 14.84
N ASN A 154 -1.65 14.72 14.68
CA ASN A 154 -2.79 14.54 15.71
CA ASN A 154 -2.77 14.41 15.55
C ASN A 154 -3.90 15.46 15.33
C ASN A 154 -3.92 15.32 15.32
N VAL A 155 -4.14 15.59 14.03
CA VAL A 155 -5.20 16.47 13.59
C VAL A 155 -6.55 15.97 14.03
N TYR A 156 -6.70 14.68 14.20
CA TYR A 156 -7.96 14.11 14.64
C TYR A 156 -8.14 14.06 16.17
N GLY A 157 -7.06 14.20 16.91
CA GLY A 157 -7.14 14.26 18.38
C GLY A 157 -7.15 12.98 19.14
N PHE A 158 -6.85 11.82 18.50
CA PHE A 158 -6.92 10.57 19.19
C PHE A 158 -5.81 10.31 20.16
N GLY A 159 -4.58 10.69 19.85
CA GLY A 159 -3.46 10.32 20.73
C GLY A 159 -3.20 8.87 20.89
N PHE A 160 -2.75 8.47 22.08
CA PHE A 160 -2.35 7.12 22.32
C PHE A 160 -3.47 6.47 23.10
N CYS A 161 -4.04 5.41 22.60
N CYS A 161 -4.05 5.47 22.51
CA CYS A 161 -5.25 4.77 23.20
CA CYS A 161 -5.19 4.81 23.08
C CYS A 161 -6.32 5.73 23.73
C CYS A 161 -6.06 5.83 23.80
N GLY A 162 -6.53 6.77 22.97
CA GLY A 162 -7.57 7.73 23.30
C GLY A 162 -7.12 8.89 24.13
N ASP A 163 -5.84 8.94 24.52
CA ASP A 163 -5.39 10.04 25.48
C ASP A 163 -5.29 11.46 24.88
N GLY A 164 -5.43 11.62 23.55
CA GLY A 164 -5.44 12.91 22.97
C GLY A 164 -4.13 13.63 22.91
N THR A 165 -3.04 12.97 23.33
CA THR A 165 -1.71 13.58 23.36
C THR A 165 -1.06 13.63 22.00
N ASP A 166 -0.05 14.50 21.82
N ASP A 166 -0.01 14.47 21.89
CA ASP A 166 0.59 14.57 20.51
CA ASP A 166 0.64 14.74 20.64
C ASP A 166 2.07 14.20 20.57
C ASP A 166 2.12 14.42 20.78
N ASP A 167 2.43 13.42 21.55
CA ASP A 167 3.81 13.03 21.72
C ASP A 167 4.33 12.04 20.66
N ALA A 168 3.46 11.29 20.01
CA ALA A 168 3.88 10.37 18.94
C ALA A 168 2.71 10.44 17.92
N PRO A 169 2.98 10.14 16.65
CA PRO A 169 1.89 9.94 15.75
C PRO A 169 0.83 8.97 16.29
N ALA A 170 -0.47 9.23 16.07
CA ALA A 170 -1.50 8.31 16.53
C ALA A 170 -1.73 7.14 15.55
N TYR A 171 -1.94 5.95 16.07
CA TYR A 171 -2.36 4.82 15.18
C TYR A 171 -3.81 4.93 14.95
N ILE A 172 -4.24 5.07 13.68
CA ILE A 172 -5.60 5.25 13.35
C ILE A 172 -5.97 4.35 12.15
N ASN A 173 -7.24 4.25 11.85
CA ASN A 173 -7.70 3.52 10.68
C ASN A 173 -8.95 4.19 10.18
N THR A 174 -9.31 3.89 8.96
CA THR A 174 -10.46 4.50 8.28
C THR A 174 -11.28 3.36 7.63
N TYR A 175 -10.84 2.78 6.51
CA TYR A 175 -11.65 1.76 5.84
C TYR A 175 -12.01 0.62 6.74
N GLN A 176 -13.32 0.35 6.72
CA GLN A 176 -13.92 -0.72 7.51
C GLN A 176 -15.17 -1.37 6.86
N ARG A 177 -15.74 -0.76 5.90
CA ARG A 177 -17.17 -1.10 5.49
C ARG A 177 -17.30 -1.53 4.08
N GLY A 178 -16.29 -2.27 3.65
CA GLY A 178 -16.45 -3.01 2.40
C GLY A 178 -16.12 -2.26 1.12
N ALA A 179 -16.38 -2.90 0.00
CA ALA A 179 -15.99 -2.42 -1.25
C ALA A 179 -16.48 -1.11 -1.73
N ARG A 180 -17.63 -0.68 -1.20
CA ARG A 180 -18.26 0.52 -1.70
C ARG A 180 -17.97 1.67 -0.80
N GLU A 181 -17.17 1.45 0.23
CA GLU A 181 -16.86 2.57 1.15
C GLU A 181 -15.57 3.25 0.58
N SER A 182 -15.74 4.40 -0.07
CA SER A 182 -14.62 5.17 -0.57
C SER A 182 -13.94 5.99 0.56
N VAL A 183 -12.81 6.61 0.18
CA VAL A 183 -12.06 7.53 1.10
C VAL A 183 -12.97 8.58 1.67
N TRP A 184 -14.04 8.95 0.93
CA TRP A 184 -15.01 10.01 1.34
C TRP A 184 -16.02 9.52 2.35
N GLU A 185 -16.11 8.19 2.57
CA GLU A 185 -17.25 7.56 3.26
C GLU A 185 -16.90 6.85 4.52
N THR A 186 -15.66 7.01 5.03
CA THR A 186 -15.19 6.33 6.23
C THR A 186 -15.45 7.21 7.46
N ILE A 187 -15.37 6.58 8.61
CA ILE A 187 -15.38 7.27 9.92
C ILE A 187 -13.99 6.93 10.54
N PRO A 188 -13.05 7.93 10.49
CA PRO A 188 -11.77 7.72 11.11
C PRO A 188 -11.88 7.41 12.59
N HIS A 189 -11.05 6.50 13.00
CA HIS A 189 -11.10 5.96 14.36
C HIS A 189 -9.75 5.49 14.87
N PRO A 190 -9.64 5.38 16.21
CA PRO A 190 -8.34 4.97 16.78
C PRO A 190 -8.14 3.43 16.61
N SER A 191 -6.93 3.03 16.27
CA SER A 191 -6.60 1.61 16.27
C SER A 191 -6.72 0.94 17.68
N CYS A 192 -6.39 1.71 18.70
CA CYS A 192 -6.53 1.28 20.08
C CYS A 192 -7.70 2.01 20.66
N ASP A 193 -8.82 1.33 20.83
CA ASP A 193 -10.12 1.95 21.20
C ASP A 193 -10.44 1.53 22.67
N ASP A 194 -10.31 2.50 23.59
CA ASP A 194 -10.61 2.35 25.01
C ASP A 194 -11.90 3.07 25.33
N PHE A 195 -12.66 3.40 24.31
CA PHE A 195 -13.91 4.02 24.40
C PHE A 195 -13.87 5.48 24.87
N THR A 196 -12.71 6.12 24.86
CA THR A 196 -12.61 7.50 25.24
C THR A 196 -13.42 8.39 24.35
N HIS A 197 -13.37 8.07 23.06
CA HIS A 197 -14.08 8.82 22.05
C HIS A 197 -15.11 8.00 21.26
N GLY A 198 -15.90 8.64 20.41
CA GLY A 198 -16.88 7.94 19.68
C GLY A 198 -18.19 7.83 20.49
N GLY A 199 -18.77 6.63 20.50
CA GLY A 199 -20.01 6.38 21.29
C GLY A 199 -19.64 5.61 22.52
N PRO A 200 -20.62 4.98 23.16
CA PRO A 200 -20.37 4.30 24.37
C PRO A 200 -19.46 3.09 24.29
N ASN A 201 -19.44 2.45 23.11
CA ASN A 201 -18.52 1.40 22.83
C ASN A 201 -17.43 1.90 21.84
N GLY A 202 -17.04 3.12 22.03
CA GLY A 202 -16.01 3.76 21.13
C GLY A 202 -16.62 3.80 19.74
N TYR A 203 -15.81 3.30 18.78
CA TYR A 203 -16.27 3.23 17.43
C TYR A 203 -16.63 1.80 16.99
N LEU A 204 -16.51 0.83 17.94
CA LEU A 204 -16.45 -0.57 17.54
C LEU A 204 -17.78 -0.98 16.88
N ASP A 205 -18.91 -0.49 17.43
CA ASP A 205 -20.17 -0.90 16.96
C ASP A 205 -20.71 -0.17 15.79
N LEU A 206 -19.87 0.64 15.08
CA LEU A 206 -20.22 1.10 13.75
C LEU A 206 -19.94 -0.06 12.76
N PHE A 207 -19.03 -0.94 13.17
CA PHE A 207 -18.37 -1.88 12.29
C PHE A 207 -18.72 -3.33 12.51
N THR A 208 -18.73 -3.79 13.74
CA THR A 208 -18.96 -5.21 14.10
C THR A 208 -20.17 -5.25 15.02
N ASP A 209 -21.05 -6.21 14.75
CA ASP A 209 -22.30 -6.43 15.52
C ASP A 209 -22.01 -7.59 16.43
N ASP A 210 -21.82 -7.31 17.73
CA ASP A 210 -21.49 -8.29 18.70
C ASP A 210 -22.37 -7.99 19.90
N GLN A 211 -22.61 -9.03 20.69
CA GLN A 211 -23.50 -8.87 21.83
C GLN A 211 -22.81 -8.13 22.96
N ASN A 212 -21.48 -8.22 23.00
N ASN A 212 -21.49 -8.11 23.02
CA ASN A 212 -20.66 -7.61 24.03
CA ASN A 212 -20.86 -7.29 24.05
C ASN A 212 -19.61 -6.75 23.29
C ASN A 212 -19.51 -6.83 23.52
N TYR A 213 -19.19 -5.59 23.82
CA TYR A 213 -18.02 -4.85 23.24
C TYR A 213 -16.94 -4.67 24.28
N ALA A 214 -15.71 -4.97 23.89
CA ALA A 214 -14.63 -4.83 24.79
C ALA A 214 -13.60 -3.83 24.24
N LYS A 215 -12.93 -3.14 25.13
CA LYS A 215 -11.79 -2.26 24.72
C LYS A 215 -10.75 -3.14 24.04
N GLN A 216 -10.14 -2.66 22.94
CA GLN A 216 -9.29 -3.56 22.10
C GLN A 216 -8.47 -2.71 21.14
N TRP A 217 -7.47 -3.38 20.60
CA TRP A 217 -6.58 -2.79 19.58
C TRP A 217 -6.68 -3.68 18.37
N ARG A 218 -6.37 -3.08 17.19
CA ARG A 218 -6.21 -3.82 15.99
C ARG A 218 -5.38 -2.97 14.99
N TYR A 219 -4.63 -3.65 14.13
CA TYR A 219 -3.74 -2.98 13.17
C TYR A 219 -3.96 -3.67 11.84
N THR A 220 -3.59 -2.99 10.76
CA THR A 220 -3.66 -3.51 9.44
C THR A 220 -2.40 -3.22 8.68
N ASN A 221 -1.80 -4.26 8.08
CA ASN A 221 -0.66 -4.13 7.24
C ASN A 221 -1.11 -3.63 5.85
N ALA A 222 -0.16 -2.95 5.18
CA ALA A 222 -0.25 -2.59 3.75
C ALA A 222 0.88 -3.35 3.04
N PRO A 223 0.60 -4.51 2.50
CA PRO A 223 1.67 -5.39 1.98
C PRO A 223 2.42 -4.77 0.82
N ASN A 224 1.79 -3.92 0.06
CA ASN A 224 2.51 -3.18 -1.02
C ASN A 224 3.72 -2.44 -0.41
N ALA A 225 3.51 -1.84 0.78
CA ALA A 225 4.56 -1.06 1.50
C ALA A 225 5.58 -1.97 2.17
N ASP A 226 5.16 -3.01 2.87
CA ASP A 226 6.18 -3.83 3.56
C ASP A 226 7.01 -4.58 2.51
N ALA A 227 6.44 -4.94 1.38
CA ALA A 227 7.22 -5.62 0.34
C ALA A 227 8.19 -4.61 -0.25
N ARG A 228 7.75 -3.36 -0.48
CA ARG A 228 8.68 -2.33 -0.98
C ARG A 228 9.87 -2.14 -0.01
N ALA A 229 9.67 -2.11 1.29
CA ALA A 229 10.72 -1.98 2.31
C ALA A 229 11.75 -3.13 2.16
N VAL A 230 11.31 -4.34 1.91
CA VAL A 230 12.19 -5.45 1.62
C VAL A 230 12.94 -5.26 0.31
N GLN A 231 12.29 -4.85 -0.75
CA GLN A 231 12.91 -4.54 -1.98
C GLN A 231 14.01 -3.46 -1.84
N VAL A 232 13.74 -2.46 -1.04
CA VAL A 232 14.75 -1.38 -0.78
C VAL A 232 16.01 -1.99 -0.16
N MET A 233 15.81 -2.96 0.75
CA MET A 233 16.94 -3.51 1.44
C MET A 233 17.69 -4.47 0.55
N PHE A 234 17.09 -5.13 -0.42
CA PHE A 234 17.86 -5.87 -1.45
C PHE A 234 18.87 -4.94 -2.10
N TRP A 235 18.41 -3.75 -2.47
CA TRP A 235 19.26 -2.76 -3.13
C TRP A 235 20.30 -2.18 -2.19
N ALA A 236 19.94 -1.88 -0.96
CA ALA A 236 20.94 -1.39 0.01
C ALA A 236 22.08 -2.43 0.07
N HIS A 237 21.74 -3.73 0.10
N HIS A 237 21.72 -3.69 0.13
CA HIS A 237 22.75 -4.83 0.13
CA HIS A 237 22.74 -4.71 0.26
C HIS A 237 23.65 -4.74 -1.06
C HIS A 237 23.61 -4.70 -0.99
N GLU A 238 23.05 -4.69 -2.21
CA GLU A 238 23.82 -4.63 -3.41
C GLU A 238 24.78 -3.45 -3.41
N TRP A 239 24.28 -2.27 -3.06
CA TRP A 239 25.05 -1.03 -3.15
C TRP A 239 26.11 -0.95 -2.05
N ALA A 240 25.78 -1.36 -0.85
CA ALA A 240 26.78 -1.45 0.24
C ALA A 240 27.81 -2.49 -0.15
N LYS A 241 27.44 -3.61 -0.75
N LYS A 241 27.42 -3.61 -0.74
CA LYS A 241 28.43 -4.64 -1.09
CA LYS A 241 28.41 -4.64 -1.07
C LYS A 241 29.43 -4.10 -2.12
C LYS A 241 29.42 -4.05 -2.07
N GLU A 242 28.98 -3.35 -3.10
CA GLU A 242 29.89 -2.79 -4.11
C GLU A 242 30.93 -1.83 -3.50
N GLN A 243 30.57 -1.17 -2.40
CA GLN A 243 31.41 -0.30 -1.60
C GLN A 243 32.32 -1.00 -0.56
N GLY A 244 32.15 -2.32 -0.37
CA GLY A 244 32.76 -3.02 0.75
C GLY A 244 32.29 -2.64 2.11
N LYS A 245 31.01 -2.17 2.20
CA LYS A 245 30.35 -1.74 3.40
C LYS A 245 29.11 -2.57 3.79
N GLU A 246 28.96 -3.69 3.10
N GLU A 246 28.96 -3.84 3.37
CA GLU A 246 27.81 -4.53 3.34
CA GLU A 246 27.86 -4.76 3.92
C GLU A 246 27.68 -4.82 4.83
C GLU A 246 27.78 -4.77 5.46
N ASN A 247 28.79 -4.87 5.57
N ASN A 247 28.92 -4.71 6.16
CA ASN A 247 28.71 -5.10 7.01
CA ASN A 247 28.90 -4.81 7.66
C ASN A 247 28.00 -3.98 7.83
C ASN A 247 28.07 -3.74 8.19
N GLU A 248 28.02 -2.66 7.44
CA GLU A 248 27.36 -1.57 8.09
C GLU A 248 25.88 -1.69 8.13
N ILE A 249 25.32 -2.53 7.28
CA ILE A 249 23.85 -2.63 7.22
C ILE A 249 23.34 -4.07 7.47
N ALA A 250 24.16 -4.93 8.06
CA ALA A 250 23.79 -6.30 8.22
C ALA A 250 22.63 -6.47 9.21
N GLY A 251 22.53 -5.65 10.24
CA GLY A 251 21.38 -5.65 11.16
C GLY A 251 20.08 -5.27 10.46
N LEU A 252 20.17 -4.30 9.55
CA LEU A 252 18.99 -3.83 8.79
C LEU A 252 18.52 -4.90 7.87
N MET A 253 19.45 -5.68 7.28
N MET A 253 19.45 -5.66 7.27
CA MET A 253 19.11 -6.83 6.42
CA MET A 253 19.06 -6.74 6.40
C MET A 253 18.37 -7.92 7.22
C MET A 253 18.23 -7.77 7.19
N ASP A 254 18.85 -8.16 8.45
N ASP A 254 18.71 -8.11 8.40
CA ASP A 254 18.21 -9.15 9.30
CA ASP A 254 17.98 -9.07 9.26
C ASP A 254 16.76 -8.75 9.48
C ASP A 254 16.62 -8.43 9.73
N LYS A 255 16.57 -7.49 9.86
N LYS A 255 16.54 -7.13 9.98
CA LYS A 255 15.25 -6.89 10.17
CA LYS A 255 15.20 -6.58 10.20
C LYS A 255 14.26 -6.81 8.97
C LYS A 255 14.30 -6.87 8.97
N ALA A 256 14.77 -6.51 7.78
CA ALA A 256 14.00 -6.69 6.55
C ALA A 256 13.60 -8.15 6.34
N SER A 257 14.49 -9.11 6.61
N SER A 257 14.48 -9.10 6.64
N SER A 257 14.53 -9.04 6.61
CA SER A 257 14.10 -10.51 6.46
CA SER A 257 14.10 -10.51 6.48
CA SER A 257 14.26 -10.45 6.57
C SER A 257 13.01 -10.95 7.44
C SER A 257 13.00 -10.93 7.44
C SER A 257 13.07 -10.89 7.42
N LYS A 258 13.06 -10.37 8.63
CA LYS A 258 12.01 -10.55 9.61
C LYS A 258 10.66 -9.96 9.16
N MET A 259 10.65 -8.73 8.64
CA MET A 259 9.50 -8.16 8.06
C MET A 259 8.87 -9.06 6.97
N GLY A 260 9.73 -9.55 6.13
CA GLY A 260 9.33 -10.44 5.04
C GLY A 260 8.73 -11.74 5.56
N ASP A 261 9.27 -12.23 6.67
CA ASP A 261 8.73 -13.48 7.31
C ASP A 261 7.32 -13.26 7.74
N TYR A 262 7.02 -12.16 8.46
CA TYR A 262 5.65 -11.84 8.88
C TYR A 262 4.74 -11.50 7.73
N LEU A 263 5.31 -10.96 6.66
CA LEU A 263 4.53 -10.55 5.46
C LEU A 263 3.88 -11.73 4.80
N ARG A 264 4.40 -12.93 5.14
CA ARG A 264 3.64 -14.12 4.66
C ARG A 264 2.16 -14.16 5.06
N TYR A 265 1.77 -13.51 6.12
CA TYR A 265 0.32 -13.43 6.47
C TYR A 265 -0.49 -12.92 5.29
N ALA A 266 0.07 -12.03 4.41
CA ALA A 266 -0.65 -11.55 3.25
C ALA A 266 -0.94 -12.65 2.20
N MET A 267 -0.26 -13.79 2.32
CA MET A 267 -0.36 -14.90 1.37
C MET A 267 -1.52 -15.83 1.62
N PHE A 268 -2.27 -15.55 2.70
CA PHE A 268 -3.33 -16.47 3.18
C PHE A 268 -4.71 -15.91 2.97
N ASP A 269 -5.68 -16.78 2.73
CA ASP A 269 -7.09 -16.39 2.74
C ASP A 269 -7.42 -15.65 4.06
N LYS A 270 -8.38 -14.72 4.00
CA LYS A 270 -8.72 -13.93 5.14
C LYS A 270 -8.94 -14.80 6.38
N TYR A 271 -9.81 -15.82 6.22
CA TYR A 271 -10.14 -16.68 7.33
C TYR A 271 -9.53 -18.07 7.17
N PHE A 272 -8.37 -18.14 6.56
CA PHE A 272 -7.60 -19.34 6.38
C PHE A 272 -8.46 -20.47 5.76
N LYS A 273 -9.38 -20.11 4.89
CA LYS A 273 -10.08 -21.14 4.11
C LYS A 273 -9.18 -21.78 3.14
N LYS A 274 -9.49 -23.02 2.79
CA LYS A 274 -8.77 -23.63 1.72
C LYS A 274 -8.97 -22.83 0.43
N ILE A 275 -7.88 -22.64 -0.29
CA ILE A 275 -7.98 -21.96 -1.57
C ILE A 275 -8.57 -22.77 -2.67
N GLY A 276 -9.53 -22.21 -3.36
CA GLY A 276 -9.97 -22.74 -4.63
C GLY A 276 -11.42 -23.14 -4.60
N ASN A 277 -12.16 -22.61 -5.56
CA ASN A 277 -13.62 -22.83 -5.69
C ASN A 277 -14.30 -22.69 -4.33
N CYS A 278 -13.92 -21.61 -3.61
CA CYS A 278 -14.29 -21.44 -2.23
C CYS A 278 -15.56 -20.63 -2.28
N VAL A 279 -16.70 -21.35 -2.43
CA VAL A 279 -17.98 -20.72 -2.69
C VAL A 279 -18.91 -21.25 -1.59
N GLY A 280 -19.51 -20.35 -0.83
CA GLY A 280 -20.38 -20.71 0.28
C GLY A 280 -19.58 -20.67 1.57
N ALA A 281 -19.80 -19.66 2.39
CA ALA A 281 -19.08 -19.55 3.58
C ALA A 281 -19.18 -20.75 4.54
N THR A 282 -20.36 -21.42 4.62
CA THR A 282 -20.47 -22.58 5.51
C THR A 282 -19.94 -23.86 4.87
N SER A 283 -19.76 -23.88 3.56
CA SER A 283 -19.37 -25.04 2.75
C SER A 283 -17.88 -25.08 2.53
N CYS A 284 -17.30 -23.93 2.22
CA CYS A 284 -15.83 -23.86 1.94
C CYS A 284 -15.09 -24.25 3.20
N PRO A 285 -14.25 -25.26 3.15
CA PRO A 285 -13.66 -25.76 4.37
C PRO A 285 -12.56 -24.92 4.92
N GLY A 286 -12.41 -25.02 6.20
CA GLY A 286 -11.26 -24.42 6.84
C GLY A 286 -9.99 -25.04 6.29
N GLY A 287 -8.94 -24.26 6.15
CA GLY A 287 -7.67 -24.78 5.80
C GLY A 287 -6.96 -25.48 6.91
N GLN A 288 -6.04 -26.35 6.47
CA GLN A 288 -5.10 -27.10 7.27
C GLN A 288 -3.75 -26.85 6.62
N GLY A 289 -2.79 -26.50 7.44
CA GLY A 289 -1.42 -26.32 6.94
C GLY A 289 -1.43 -25.17 5.93
N LYS A 290 -0.74 -25.34 4.80
CA LYS A 290 -0.73 -24.27 3.83
C LYS A 290 -1.74 -24.38 2.72
N ASP A 291 -2.82 -25.13 2.88
CA ASP A 291 -3.77 -25.21 1.79
C ASP A 291 -4.65 -23.93 1.67
N SER A 292 -4.52 -23.06 2.68
CA SER A 292 -5.16 -21.75 2.72
C SER A 292 -4.21 -20.65 2.13
N ALA A 293 -3.04 -21.04 1.62
CA ALA A 293 -2.17 -20.06 0.97
C ALA A 293 -2.43 -19.92 -0.50
N HIS A 294 -2.67 -18.66 -0.95
CA HIS A 294 -2.72 -18.28 -2.38
C HIS A 294 -1.35 -17.81 -2.86
N TYR A 295 -0.45 -17.51 -1.90
CA TYR A 295 0.94 -17.19 -2.28
C TYR A 295 1.07 -15.94 -3.08
N LEU A 296 0.11 -15.04 -3.00
CA LEU A 296 0.22 -13.70 -3.58
C LEU A 296 0.28 -12.66 -2.51
N LEU A 297 0.74 -11.43 -2.84
CA LEU A 297 0.70 -10.29 -1.90
C LEU A 297 -0.72 -9.71 -1.93
N SER A 298 -1.58 -10.17 -1.02
CA SER A 298 -2.90 -9.66 -0.94
C SER A 298 -3.01 -8.23 -0.38
N TRP A 299 -4.23 -7.73 -0.38
CA TRP A 299 -4.45 -6.34 -0.04
C TRP A 299 -4.11 -6.02 1.37
N TYR A 300 -4.16 -6.99 2.28
CA TYR A 300 -3.84 -6.73 3.70
C TYR A 300 -3.69 -8.04 4.49
N TYR A 301 -3.08 -7.88 5.66
CA TYR A 301 -3.36 -8.79 6.80
C TYR A 301 -3.64 -7.88 8.00
N SER A 302 -4.26 -8.42 9.03
CA SER A 302 -4.66 -7.58 10.16
C SER A 302 -4.66 -8.46 11.39
N TRP A 303 -4.46 -7.84 12.53
CA TRP A 303 -4.45 -8.55 13.80
C TRP A 303 -4.92 -7.65 14.89
N GLY A 304 -5.46 -8.24 15.93
CA GLY A 304 -5.97 -7.42 17.09
C GLY A 304 -6.15 -8.28 18.33
N GLY A 305 -6.46 -7.62 19.42
CA GLY A 305 -6.71 -8.30 20.69
C GLY A 305 -7.35 -7.41 21.72
N SER A 306 -7.86 -8.08 22.75
CA SER A 306 -8.51 -7.35 23.84
C SER A 306 -7.54 -6.57 24.68
N LEU A 307 -7.96 -5.43 25.26
CA LEU A 307 -7.07 -4.61 26.04
C LEU A 307 -7.08 -5.06 27.53
N ASP A 308 -8.27 -5.42 28.00
CA ASP A 308 -8.51 -6.57 28.92
C ASP A 308 -9.67 -6.53 29.97
N SER A 311 -9.25 -11.77 31.05
CA SER A 311 -9.51 -12.91 30.14
C SER A 311 -9.34 -12.55 28.58
N ALA A 312 -8.08 -12.33 28.21
CA ALA A 312 -7.67 -11.79 26.91
C ALA A 312 -8.13 -12.69 25.77
N TRP A 313 -8.44 -12.10 24.59
CA TRP A 313 -8.69 -12.87 23.33
C TRP A 313 -7.87 -12.08 22.22
N ALA A 314 -7.58 -12.71 21.11
CA ALA A 314 -6.77 -12.07 20.06
C ALA A 314 -7.10 -12.81 18.79
N TRP A 315 -6.87 -12.13 17.65
CA TRP A 315 -7.22 -12.70 16.40
C TRP A 315 -6.23 -12.17 15.30
N ARG A 316 -6.22 -12.91 14.18
CA ARG A 316 -5.41 -12.58 12.97
C ARG A 316 -6.18 -13.00 11.77
N ILE A 317 -6.03 -12.20 10.68
CA ILE A 317 -6.62 -12.52 9.37
C ILE A 317 -5.57 -12.26 8.32
N GLY A 318 -5.60 -13.04 7.24
CA GLY A 318 -4.97 -12.69 5.96
C GLY A 318 -5.92 -11.87 5.21
N SER A 319 -5.87 -11.98 3.86
CA SER A 319 -6.89 -11.38 3.02
C SER A 319 -6.99 -12.17 1.74
N SER A 320 -8.15 -12.22 1.14
CA SER A 320 -8.44 -13.17 0.09
C SER A 320 -8.26 -12.67 -1.35
N SER A 321 -8.11 -11.37 -1.49
N SER A 321 -8.16 -11.34 -1.51
CA SER A 321 -8.10 -10.75 -2.84
CA SER A 321 -8.14 -10.65 -2.83
C SER A 321 -6.75 -10.07 -3.04
C SER A 321 -6.84 -9.90 -3.13
N SER A 322 -6.19 -10.25 -4.25
CA SER A 322 -4.85 -9.76 -4.59
C SER A 322 -4.90 -8.97 -5.85
N HIS A 323 -4.15 -7.85 -5.87
CA HIS A 323 -4.13 -6.89 -6.92
C HIS A 323 -2.76 -6.90 -7.59
N GLN A 324 -2.71 -6.85 -8.91
CA GLN A 324 -1.46 -6.86 -9.64
C GLN A 324 -0.49 -5.78 -9.17
N GLY A 325 -1.02 -4.63 -8.83
CA GLY A 325 -0.22 -3.46 -8.45
C GLY A 325 0.55 -3.63 -7.18
N TYR A 326 0.18 -4.59 -6.35
CA TYR A 326 0.87 -4.90 -5.08
C TYR A 326 2.02 -5.87 -5.26
N GLN A 327 2.00 -6.67 -6.35
CA GLN A 327 2.96 -7.75 -6.38
C GLN A 327 4.38 -7.23 -6.49
N ASN A 328 5.30 -8.01 -5.98
CA ASN A 328 6.66 -7.53 -5.93
C ASN A 328 7.58 -8.69 -6.15
N VAL A 329 7.82 -8.90 -7.44
CA VAL A 329 8.60 -10.06 -7.81
C VAL A 329 10.08 -9.86 -7.41
N LEU A 330 10.50 -8.62 -7.26
CA LEU A 330 11.87 -8.34 -6.82
C LEU A 330 12.03 -8.67 -5.36
N ALA A 331 11.13 -8.25 -4.51
CA ALA A 331 11.12 -8.66 -3.12
C ALA A 331 11.03 -10.19 -2.98
N ALA A 332 10.18 -10.83 -3.79
CA ALA A 332 10.03 -12.29 -3.71
C ALA A 332 11.30 -13.04 -4.11
N TYR A 333 11.97 -12.49 -5.13
CA TYR A 333 13.27 -13.05 -5.56
C TYR A 333 14.21 -12.89 -4.39
N ALA A 334 14.29 -11.70 -3.79
CA ALA A 334 15.26 -11.42 -2.70
C ALA A 334 15.03 -12.36 -1.53
N LEU A 335 13.82 -12.44 -1.10
CA LEU A 335 13.47 -13.24 0.12
C LEU A 335 13.70 -14.74 -0.12
N SER A 336 13.49 -15.17 -1.32
CA SER A 336 13.68 -16.60 -1.70
C SER A 336 15.11 -16.97 -2.04
N GLN A 337 15.88 -16.06 -2.62
N GLN A 337 15.86 -16.09 -2.71
CA GLN A 337 17.19 -16.41 -3.19
CA GLN A 337 17.19 -16.41 -3.27
C GLN A 337 18.45 -15.68 -2.78
C GLN A 337 18.44 -15.77 -2.62
N VAL A 338 18.31 -14.61 -1.98
CA VAL A 338 19.46 -13.82 -1.52
C VAL A 338 19.73 -14.12 -0.08
N PRO A 339 20.87 -14.73 0.21
CA PRO A 339 20.99 -15.27 1.64
C PRO A 339 20.80 -14.28 2.76
N GLU A 340 21.24 -13.05 2.48
N GLU A 340 21.26 -13.04 2.63
CA GLU A 340 21.12 -11.88 3.32
CA GLU A 340 21.06 -12.10 3.72
C GLU A 340 19.71 -11.37 3.62
C GLU A 340 19.64 -11.57 3.83
N LEU A 341 18.75 -11.89 2.87
CA LEU A 341 17.38 -11.52 3.02
C LEU A 341 16.50 -12.71 3.26
N GLN A 342 16.99 -13.94 3.10
CA GLN A 342 16.18 -15.14 3.39
C GLN A 342 15.69 -15.17 4.85
N PRO A 343 14.41 -15.38 5.06
CA PRO A 343 13.88 -15.43 6.40
C PRO A 343 14.44 -16.62 7.17
N ASP A 344 14.53 -16.39 8.46
CA ASP A 344 15.02 -17.39 9.39
C ASP A 344 14.07 -18.48 9.76
N SER A 345 12.79 -18.30 9.52
CA SER A 345 11.81 -19.36 9.89
C SER A 345 12.05 -20.62 9.02
N PRO A 346 11.74 -21.76 9.56
CA PRO A 346 12.06 -22.98 8.79
C PRO A 346 11.34 -23.09 7.42
N THR A 347 10.18 -22.47 7.26
CA THR A 347 9.48 -22.53 5.97
C THR A 347 9.35 -21.20 5.20
N GLY A 348 9.93 -20.13 5.74
CA GLY A 348 9.82 -18.81 5.12
C GLY A 348 10.38 -18.77 3.71
N VAL A 349 11.58 -19.35 3.52
CA VAL A 349 12.18 -19.30 2.26
C VAL A 349 11.36 -20.03 1.20
N GLN A 350 10.90 -21.26 1.57
CA GLN A 350 10.05 -22.05 0.66
C GLN A 350 8.79 -21.29 0.27
N ASP A 351 8.19 -20.67 1.24
CA ASP A 351 6.93 -19.93 0.99
C ASP A 351 7.21 -18.83 -0.03
N TRP A 352 8.30 -18.08 0.18
CA TRP A 352 8.67 -16.96 -0.74
C TRP A 352 9.09 -17.49 -2.09
N ALA A 353 9.72 -18.71 -2.15
CA ALA A 353 10.05 -19.27 -3.48
C ALA A 353 8.76 -19.65 -4.24
N THR A 354 7.80 -20.17 -3.50
CA THR A 354 6.48 -20.48 -4.13
C THR A 354 5.80 -19.18 -4.58
N SER A 355 5.84 -18.20 -3.73
CA SER A 355 5.26 -16.87 -4.08
C SER A 355 5.93 -16.18 -5.28
N PHE A 356 7.27 -16.24 -5.36
CA PHE A 356 8.00 -15.68 -6.48
C PHE A 356 7.41 -16.22 -7.79
N ASP A 357 7.37 -17.54 -7.89
N ASP A 357 7.32 -17.54 -7.89
CA ASP A 357 6.79 -18.22 -9.05
CA ASP A 357 6.82 -18.21 -9.09
C ASP A 357 5.31 -17.85 -9.27
C ASP A 357 5.29 -17.99 -9.30
N ARG A 358 4.50 -17.96 -8.22
CA ARG A 358 3.10 -17.73 -8.32
C ARG A 358 2.77 -16.25 -8.77
N GLN A 359 3.55 -15.31 -8.24
CA GLN A 359 3.32 -13.91 -8.61
C GLN A 359 3.62 -13.71 -10.09
N LEU A 360 4.70 -14.28 -10.64
CA LEU A 360 4.95 -14.13 -12.04
C LEU A 360 3.87 -14.78 -12.89
N GLU A 361 3.37 -15.93 -12.53
CA GLU A 361 2.25 -16.55 -13.29
C GLU A 361 0.98 -15.68 -13.26
N PHE A 362 0.69 -15.14 -12.07
CA PHE A 362 -0.46 -14.23 -11.89
C PHE A 362 -0.40 -13.00 -12.76
N LEU A 363 0.78 -12.33 -12.80
CA LEU A 363 0.94 -11.17 -13.58
C LEU A 363 0.79 -11.42 -15.10
N GLN A 364 1.28 -12.60 -15.53
CA GLN A 364 1.20 -12.99 -16.93
C GLN A 364 -0.28 -13.35 -17.29
N TRP A 365 -0.95 -14.05 -16.40
CA TRP A 365 -2.36 -14.40 -16.55
C TRP A 365 -3.18 -13.14 -16.73
N LEU A 366 -2.78 -12.04 -16.05
CA LEU A 366 -3.58 -10.80 -16.09
C LEU A 366 -3.23 -9.92 -17.27
N GLN A 367 -2.27 -10.28 -18.10
CA GLN A 367 -1.86 -9.39 -19.14
C GLN A 367 -2.88 -9.35 -20.31
N SER A 368 -3.45 -8.20 -20.49
CA SER A 368 -4.51 -7.93 -21.50
C SER A 368 -3.96 -8.08 -22.90
N ALA A 369 -4.92 -8.10 -23.84
CA ALA A 369 -4.61 -8.08 -25.29
C ALA A 369 -3.68 -6.91 -25.60
N GLU A 370 -3.96 -5.72 -25.07
CA GLU A 370 -3.23 -4.51 -25.38
C GLU A 370 -1.89 -4.47 -24.67
N GLY A 371 -1.78 -5.05 -23.47
CA GLY A 371 -0.51 -5.19 -22.73
C GLY A 371 -0.55 -4.76 -21.29
N GLY A 372 -1.49 -3.89 -20.92
CA GLY A 372 -1.69 -3.56 -19.53
C GLY A 372 -2.10 -4.75 -18.70
N ILE A 373 -1.80 -4.71 -17.42
CA ILE A 373 -2.05 -5.78 -16.43
C ILE A 373 -3.35 -5.60 -15.68
N ALA A 374 -4.25 -6.54 -15.90
CA ALA A 374 -5.61 -6.46 -15.29
C ALA A 374 -5.59 -6.71 -13.81
N GLY A 375 -6.75 -6.62 -13.17
CA GLY A 375 -6.80 -6.33 -11.74
C GLY A 375 -6.23 -7.36 -10.81
N GLY A 376 -6.80 -8.56 -10.80
CA GLY A 376 -6.39 -9.57 -9.84
C GLY A 376 -7.36 -10.72 -9.67
N ALA A 377 -7.37 -11.30 -8.52
CA ALA A 377 -8.26 -12.41 -8.28
C ALA A 377 -8.47 -12.54 -6.78
N THR A 378 -9.59 -13.21 -6.44
CA THR A 378 -9.95 -13.44 -5.06
C THR A 378 -10.47 -14.82 -4.71
N ASN A 379 -10.13 -15.27 -3.51
CA ASN A 379 -10.70 -16.54 -2.98
C ASN A 379 -12.06 -16.34 -2.26
N SER A 380 -12.48 -15.11 -2.09
CA SER A 380 -13.74 -14.79 -1.39
C SER A 380 -14.50 -13.78 -2.20
N TRP A 381 -15.40 -14.27 -3.10
CA TRP A 381 -16.17 -13.36 -3.86
C TRP A 381 -17.02 -12.39 -2.98
N LYS A 382 -16.91 -11.11 -3.28
CA LYS A 382 -17.61 -10.03 -2.64
C LYS A 382 -17.25 -10.00 -1.17
N GLY A 383 -16.20 -10.67 -0.80
CA GLY A 383 -15.84 -10.76 0.63
C GLY A 383 -16.79 -11.48 1.58
N SER A 384 -17.56 -12.39 1.03
CA SER A 384 -18.48 -13.24 1.79
C SER A 384 -18.52 -14.65 1.19
N TYR A 385 -17.48 -15.07 0.47
CA TYR A 385 -17.41 -16.35 -0.18
C TYR A 385 -18.70 -16.55 -1.06
N ASP A 386 -19.10 -15.50 -1.77
CA ASP A 386 -20.33 -15.48 -2.55
C ASP A 386 -20.09 -16.23 -3.83
N THR A 387 -21.18 -16.35 -4.58
CA THR A 387 -21.16 -17.11 -5.84
C THR A 387 -20.80 -16.21 -6.97
N PRO A 388 -19.65 -16.47 -7.62
CA PRO A 388 -19.39 -15.63 -8.75
C PRO A 388 -20.16 -16.03 -9.99
N PRO A 389 -20.20 -15.13 -11.00
CA PRO A 389 -20.94 -15.48 -12.22
C PRO A 389 -20.40 -16.73 -12.86
N THR A 390 -21.27 -17.52 -13.42
CA THR A 390 -20.83 -18.70 -14.14
C THR A 390 -19.90 -18.32 -15.36
N GLY A 391 -18.83 -19.10 -15.51
CA GLY A 391 -17.92 -18.80 -16.60
C GLY A 391 -16.83 -17.75 -16.30
N LEU A 392 -16.89 -17.16 -15.10
CA LEU A 392 -15.82 -16.23 -14.73
C LEU A 392 -14.48 -16.95 -14.71
N SER A 393 -13.48 -16.24 -15.26
N SER A 393 -13.47 -16.34 -15.36
CA SER A 393 -12.10 -16.72 -15.28
CA SER A 393 -12.16 -17.01 -15.44
C SER A 393 -11.54 -17.09 -13.91
C SER A 393 -11.54 -17.07 -14.05
N GLN A 394 -10.62 -18.05 -13.87
CA GLN A 394 -9.99 -18.47 -12.63
C GLN A 394 -8.46 -18.52 -12.72
N PHE A 395 -7.84 -18.42 -11.58
CA PHE A 395 -6.38 -18.56 -11.43
C PHE A 395 -6.25 -19.36 -10.12
N TYR A 396 -5.75 -20.60 -10.22
CA TYR A 396 -5.58 -21.47 -9.09
C TYR A 396 -6.84 -21.56 -8.23
N GLY A 397 -7.95 -21.59 -8.92
CA GLY A 397 -9.26 -21.72 -8.24
C GLY A 397 -9.85 -20.43 -7.66
N MET A 398 -9.08 -19.37 -7.69
CA MET A 398 -9.57 -18.02 -7.37
C MET A 398 -10.22 -17.37 -8.57
N TYR A 399 -11.02 -16.34 -8.31
CA TYR A 399 -11.82 -15.76 -9.32
C TYR A 399 -11.32 -14.45 -9.79
N TYR A 400 -11.27 -14.22 -11.11
CA TYR A 400 -10.83 -12.93 -11.66
C TYR A 400 -11.67 -11.78 -11.18
N ASP A 401 -11.04 -10.72 -10.69
CA ASP A 401 -11.69 -9.52 -10.20
C ASP A 401 -11.02 -8.32 -10.88
N TRP A 402 -11.79 -7.70 -11.77
CA TRP A 402 -11.30 -6.54 -12.51
C TRP A 402 -11.05 -5.26 -11.62
N GLN A 403 -11.55 -5.35 -10.38
CA GLN A 403 -11.49 -4.25 -9.42
C GLN A 403 -11.28 -4.79 -7.99
N PRO A 404 -10.16 -5.47 -7.75
CA PRO A 404 -10.00 -6.06 -6.41
C PRO A 404 -10.19 -5.11 -5.26
N VAL A 405 -10.97 -5.53 -4.29
CA VAL A 405 -11.13 -4.86 -3.03
C VAL A 405 -11.91 -3.57 -3.08
N TRP A 406 -11.36 -2.54 -3.70
CA TRP A 406 -12.04 -1.20 -3.76
C TRP A 406 -12.91 -1.20 -5.03
N ASN A 407 -14.18 -0.77 -4.88
CA ASN A 407 -15.02 -0.51 -6.07
C ASN A 407 -15.48 0.96 -6.21
N ASP A 408 -15.00 1.80 -5.27
CA ASP A 408 -15.26 3.26 -5.23
C ASP A 408 -13.99 4.02 -4.95
N PRO A 409 -13.14 4.19 -5.98
CA PRO A 409 -13.25 3.79 -7.35
C PRO A 409 -12.73 2.36 -7.58
N PRO A 410 -13.10 1.79 -8.74
CA PRO A 410 -12.49 0.51 -9.12
C PRO A 410 -10.97 0.56 -8.97
N SER A 411 -10.43 -0.39 -8.20
CA SER A 411 -9.08 -0.34 -7.69
C SER A 411 -8.00 -0.40 -8.77
N ASN A 412 -8.27 -0.94 -9.96
CA ASN A 412 -7.26 -1.05 -10.99
C ASN A 412 -7.42 -0.05 -12.16
N ASN A 413 -8.23 0.98 -11.98
CA ASN A 413 -8.35 2.01 -13.02
C ASN A 413 -7.15 2.99 -13.00
N TRP A 414 -6.44 3.09 -11.87
CA TRP A 414 -5.23 4.03 -11.81
C TRP A 414 -4.05 3.44 -12.45
N PHE A 415 -3.53 4.12 -13.47
CA PHE A 415 -2.30 3.71 -14.15
C PHE A 415 -1.09 3.59 -13.24
N GLY A 416 -1.12 4.29 -12.13
CA GLY A 416 0.01 4.18 -11.19
C GLY A 416 0.32 2.75 -10.81
N PHE A 417 -0.68 1.88 -10.65
CA PHE A 417 -0.37 0.55 -10.22
C PHE A 417 0.36 -0.24 -11.31
N GLN A 418 0.14 0.14 -12.58
CA GLN A 418 0.86 -0.49 -13.72
C GLN A 418 2.35 -0.32 -13.55
N VAL A 419 2.78 0.94 -13.27
CA VAL A 419 4.23 1.25 -13.12
C VAL A 419 4.77 0.80 -11.80
N TRP A 420 4.03 0.86 -10.75
CA TRP A 420 4.56 0.37 -9.46
C TRP A 420 4.91 -1.14 -9.58
N ASN A 421 4.00 -1.93 -10.18
CA ASN A 421 4.29 -3.35 -10.40
C ASN A 421 5.38 -3.54 -11.44
N MET A 422 5.25 -2.87 -12.55
N MET A 422 5.23 -2.93 -12.59
CA MET A 422 6.11 -3.10 -13.69
CA MET A 422 6.14 -3.20 -13.69
C MET A 422 7.53 -2.74 -13.38
C MET A 422 7.55 -2.64 -13.49
N GLU A 423 7.73 -1.66 -12.62
CA GLU A 423 9.13 -1.28 -12.22
C GLU A 423 9.84 -2.43 -11.47
N ARG A 424 9.07 -3.16 -10.68
CA ARG A 424 9.67 -4.23 -9.91
C ARG A 424 10.00 -5.41 -10.87
N VAL A 425 9.09 -5.64 -11.84
CA VAL A 425 9.33 -6.65 -12.90
C VAL A 425 10.58 -6.27 -13.70
N ALA A 426 10.71 -4.98 -14.09
CA ALA A 426 11.87 -4.52 -14.79
C ALA A 426 13.11 -4.65 -13.97
N GLN A 427 13.01 -4.35 -12.67
CA GLN A 427 14.18 -4.47 -11.82
C GLN A 427 14.64 -5.97 -11.77
N LEU A 428 13.71 -6.89 -11.62
CA LEU A 428 14.08 -8.31 -11.68
C LEU A 428 14.79 -8.64 -12.97
N TYR A 429 14.19 -8.21 -14.08
CA TYR A 429 14.76 -8.46 -15.40
C TYR A 429 16.18 -7.89 -15.51
N TYR A 430 16.39 -6.67 -14.96
CA TYR A 430 17.73 -6.11 -14.88
C TYR A 430 18.67 -7.02 -14.10
N VAL A 431 18.25 -7.45 -12.93
CA VAL A 431 19.13 -8.25 -12.04
C VAL A 431 19.49 -9.59 -12.64
N THR A 432 18.50 -10.34 -13.10
CA THR A 432 18.72 -11.78 -13.41
C THR A 432 18.46 -12.09 -14.89
N GLY A 433 17.85 -11.19 -15.68
CA GLY A 433 17.42 -11.51 -16.98
C GLY A 433 16.18 -12.41 -17.08
N ASP A 434 15.45 -12.61 -15.99
CA ASP A 434 14.34 -13.55 -15.86
C ASP A 434 13.46 -13.52 -17.14
N ALA A 435 13.44 -14.62 -17.85
CA ALA A 435 12.70 -14.71 -19.14
C ALA A 435 11.19 -14.46 -18.97
N ARG A 436 10.67 -14.81 -17.83
CA ARG A 436 9.24 -14.63 -17.51
C ARG A 436 8.98 -13.14 -17.42
N ALA A 437 9.78 -12.46 -16.64
CA ALA A 437 9.70 -10.97 -16.59
C ALA A 437 9.84 -10.33 -17.94
N GLU A 438 10.80 -10.83 -18.72
CA GLU A 438 11.06 -10.29 -20.06
C GLU A 438 9.80 -10.41 -20.96
N ALA A 439 9.11 -11.54 -20.88
CA ALA A 439 7.92 -11.70 -21.73
C ALA A 439 6.86 -10.73 -21.37
N ILE A 440 6.62 -10.51 -20.06
CA ILE A 440 5.64 -9.47 -19.66
C ILE A 440 6.05 -8.09 -20.17
N LEU A 441 7.29 -7.72 -19.92
CA LEU A 441 7.81 -6.43 -20.31
C LEU A 441 7.77 -6.18 -21.82
N ASP A 442 8.09 -7.24 -22.63
CA ASP A 442 8.12 -7.03 -24.06
C ASP A 442 6.75 -6.66 -24.60
N LYS A 443 5.67 -7.13 -23.97
CA LYS A 443 4.34 -6.74 -24.39
C LYS A 443 3.85 -5.46 -23.70
N TRP A 444 4.22 -5.24 -22.47
CA TRP A 444 3.75 -4.04 -21.75
C TRP A 444 4.40 -2.77 -22.17
N VAL A 445 5.72 -2.82 -22.37
CA VAL A 445 6.52 -1.62 -22.63
C VAL A 445 6.05 -0.86 -23.89
N PRO A 446 5.81 -1.54 -24.99
CA PRO A 446 5.28 -0.81 -26.14
C PRO A 446 3.97 -0.14 -25.91
N TRP A 447 3.09 -0.77 -25.17
CA TRP A 447 1.82 -0.24 -24.86
C TRP A 447 1.98 1.00 -24.06
N ALA A 448 2.82 0.98 -23.04
CA ALA A 448 3.03 2.17 -22.24
C ALA A 448 3.63 3.31 -23.01
N ILE A 449 4.68 3.01 -23.78
CA ILE A 449 5.32 4.00 -24.67
C ILE A 449 4.30 4.66 -25.61
N GLN A 450 3.45 3.84 -26.19
N GLN A 450 3.45 3.87 -26.23
CA GLN A 450 2.44 4.27 -27.19
CA GLN A 450 2.52 4.42 -27.24
C GLN A 450 1.44 5.25 -26.61
C GLN A 450 1.59 5.45 -26.59
N HIS A 451 1.33 5.30 -25.28
CA HIS A 451 0.43 6.21 -24.57
C HIS A 451 1.13 7.24 -23.73
N THR A 452 2.40 7.48 -24.03
CA THR A 452 3.19 8.48 -23.35
C THR A 452 3.65 9.54 -24.34
N ASP A 453 3.61 10.81 -23.92
CA ASP A 453 4.08 11.94 -24.75
C ASP A 453 5.05 12.74 -24.00
N VAL A 454 6.34 12.66 -24.37
CA VAL A 454 7.37 13.33 -23.58
C VAL A 454 7.48 14.82 -23.98
N ASP A 455 6.82 15.17 -25.06
CA ASP A 455 6.75 16.60 -25.55
C ASP A 455 8.16 17.07 -25.81
N ALA A 456 8.95 16.26 -26.56
CA ALA A 456 10.35 16.51 -26.64
C ALA A 456 10.68 17.83 -27.34
N ASP A 457 9.89 18.19 -28.33
CA ASP A 457 10.24 19.41 -29.11
C ASP A 457 10.09 20.67 -28.23
N ASN A 458 9.46 20.52 -27.06
N ASN A 458 9.44 20.52 -27.06
CA ASN A 458 9.14 21.63 -26.22
CA ASN A 458 9.17 21.62 -26.13
C ASN A 458 9.64 21.37 -24.78
C ASN A 458 9.71 21.41 -24.73
N GLY A 459 10.74 20.59 -24.67
CA GLY A 459 11.49 20.40 -23.40
C GLY A 459 10.71 19.72 -22.31
N GLY A 460 9.65 19.05 -22.70
CA GLY A 460 8.74 18.36 -21.73
C GLY A 460 7.79 19.21 -21.00
N GLN A 461 7.62 20.47 -21.41
CA GLN A 461 6.69 21.31 -20.71
C GLN A 461 5.32 20.73 -20.59
N ASN A 462 4.81 20.18 -21.67
CA ASN A 462 3.43 19.69 -21.70
C ASN A 462 3.44 18.17 -21.89
N PHE A 463 4.38 17.47 -21.21
CA PHE A 463 4.39 16.03 -21.33
C PHE A 463 3.10 15.45 -20.76
N GLN A 464 2.82 14.20 -21.10
N GLN A 464 2.77 14.23 -21.19
CA GLN A 464 1.63 13.54 -20.56
CA GLN A 464 1.57 13.46 -20.72
C GLN A 464 1.91 12.05 -20.41
C GLN A 464 2.00 12.04 -20.37
N VAL A 465 1.43 11.47 -19.31
CA VAL A 465 1.48 10.04 -19.09
C VAL A 465 0.07 9.54 -18.82
N PRO A 466 -0.16 8.24 -18.99
CA PRO A 466 -1.50 7.69 -18.66
C PRO A 466 -1.93 7.91 -17.24
N SER A 467 -3.22 8.10 -17.01
CA SER A 467 -3.79 8.29 -15.73
C SER A 467 -4.91 7.29 -15.44
N ASP A 468 -6.03 7.37 -16.17
N ASP A 468 -6.09 7.46 -16.07
CA ASP A 468 -7.18 6.50 -15.90
CA ASP A 468 -7.20 6.50 -15.84
C ASP A 468 -7.31 5.46 -16.95
C ASP A 468 -7.27 5.46 -16.94
N LEU A 469 -7.59 4.23 -16.53
CA LEU A 469 -7.74 3.10 -17.38
C LEU A 469 -9.20 2.58 -17.29
N GLU A 470 -9.72 2.05 -18.40
N GLU A 470 -9.70 2.03 -18.40
CA GLU A 470 -11.01 1.39 -18.46
CA GLU A 470 -11.00 1.40 -18.46
C GLU A 470 -10.84 -0.04 -18.97
C GLU A 470 -10.85 -0.04 -18.97
N TRP A 471 -11.25 -0.99 -18.15
CA TRP A 471 -11.05 -2.40 -18.40
C TRP A 471 -12.39 -3.03 -18.90
N SER A 472 -12.25 -4.08 -19.68
CA SER A 472 -13.34 -4.84 -20.13
C SER A 472 -12.93 -6.28 -20.36
N GLY A 473 -13.92 -7.17 -20.37
CA GLY A 473 -13.57 -8.54 -20.62
C GLY A 473 -12.89 -9.29 -19.48
N GLN A 474 -12.24 -10.41 -19.77
CA GLN A 474 -11.58 -11.19 -18.76
C GLN A 474 -10.48 -11.98 -19.37
N PRO A 475 -9.46 -12.29 -18.62
CA PRO A 475 -8.46 -13.24 -19.11
C PRO A 475 -9.05 -14.59 -19.36
N ASP A 476 -8.39 -15.40 -20.20
CA ASP A 476 -8.74 -16.79 -20.24
C ASP A 476 -8.40 -17.47 -18.90
N THR A 477 -9.19 -18.45 -18.47
N THR A 477 -9.16 -18.47 -18.50
N THR A 477 -9.19 -18.43 -18.46
CA THR A 477 -8.81 -19.20 -17.26
CA THR A 477 -8.85 -19.19 -17.28
CA THR A 477 -8.83 -19.15 -17.23
C THR A 477 -7.40 -19.70 -17.40
C THR A 477 -7.47 -19.87 -17.32
C THR A 477 -7.44 -19.74 -17.37
N TRP A 478 -6.64 -19.61 -16.31
CA TRP A 478 -5.25 -20.03 -16.33
C TRP A 478 -5.10 -21.55 -16.25
N THR A 479 -4.44 -22.06 -17.26
CA THR A 479 -4.04 -23.48 -17.29
C THR A 479 -2.51 -23.63 -17.40
N GLY A 480 -1.74 -22.61 -16.97
CA GLY A 480 -0.31 -22.67 -17.03
C GLY A 480 0.29 -22.29 -18.37
N THR A 481 -0.41 -21.56 -19.17
CA THR A 481 0.05 -21.03 -20.44
C THR A 481 -0.66 -19.73 -20.83
N TYR A 482 0.04 -18.82 -21.48
CA TYR A 482 -0.49 -17.52 -21.81
C TYR A 482 -1.12 -17.64 -23.16
N THR A 483 -2.43 -17.31 -23.20
CA THR A 483 -3.14 -17.31 -24.50
C THR A 483 -3.10 -16.07 -25.32
N GLY A 484 -2.57 -14.97 -24.75
CA GLY A 484 -2.64 -13.68 -25.32
C GLY A 484 -3.87 -12.90 -24.86
N ASN A 485 -4.78 -13.59 -24.18
CA ASN A 485 -5.99 -12.97 -23.62
C ASN A 485 -6.65 -12.00 -24.59
N PRO A 486 -7.00 -12.53 -25.79
CA PRO A 486 -7.63 -11.65 -26.77
C PRO A 486 -8.97 -11.03 -26.33
N ASN A 487 -9.60 -11.61 -25.31
CA ASN A 487 -10.85 -11.06 -24.80
C ASN A 487 -10.79 -10.25 -23.46
N LEU A 488 -9.57 -9.88 -23.08
CA LEU A 488 -9.32 -8.98 -21.98
C LEU A 488 -8.70 -7.69 -22.50
N HIS A 489 -9.36 -6.58 -22.23
CA HIS A 489 -9.03 -5.32 -22.83
C HIS A 489 -8.85 -4.16 -21.87
N VAL A 490 -7.96 -3.26 -22.23
CA VAL A 490 -7.83 -2.04 -21.53
C VAL A 490 -7.69 -0.88 -22.54
N GLN A 491 -8.27 0.27 -22.17
CA GLN A 491 -8.09 1.52 -22.92
C GLN A 491 -7.74 2.65 -21.90
N VAL A 492 -6.87 3.53 -22.35
CA VAL A 492 -6.47 4.70 -21.58
C VAL A 492 -7.52 5.77 -21.88
N VAL A 493 -8.18 6.28 -20.85
CA VAL A 493 -9.22 7.30 -21.02
C VAL A 493 -8.87 8.67 -20.45
N SER A 494 -7.76 8.80 -19.70
CA SER A 494 -7.28 10.14 -19.28
C SER A 494 -5.80 10.08 -19.10
N TYR A 495 -5.20 11.24 -19.16
CA TYR A 495 -3.76 11.49 -19.05
C TYR A 495 -3.52 12.54 -18.00
N SER A 496 -2.29 12.60 -17.47
CA SER A 496 -1.90 13.56 -16.44
C SER A 496 -0.43 13.95 -16.60
N GLN A 497 -0.01 14.82 -15.69
CA GLN A 497 1.39 15.11 -15.43
C GLN A 497 1.85 14.61 -14.01
N ASP A 498 1.23 13.56 -13.53
CA ASP A 498 1.50 13.05 -12.18
C ASP A 498 2.99 12.71 -12.12
N VAL A 499 3.66 13.39 -11.22
CA VAL A 499 5.15 13.31 -11.26
C VAL A 499 5.62 11.96 -10.68
N GLY A 500 4.84 11.41 -9.74
CA GLY A 500 5.16 10.13 -9.11
C GLY A 500 5.05 9.02 -10.16
N VAL A 501 3.94 9.02 -10.87
CA VAL A 501 3.68 8.04 -11.91
C VAL A 501 4.76 8.19 -13.00
N THR A 502 5.07 9.42 -13.33
CA THR A 502 6.08 9.73 -14.32
C THR A 502 7.42 9.10 -13.94
N ALA A 503 7.85 9.30 -12.73
CA ALA A 503 9.15 8.79 -12.29
C ALA A 503 9.18 7.27 -12.30
N ALA A 504 8.08 6.61 -11.89
CA ALA A 504 8.05 5.18 -11.91
C ALA A 504 8.05 4.67 -13.35
N LEU A 505 7.37 5.36 -14.26
CA LEU A 505 7.37 4.97 -15.66
C LEU A 505 8.80 5.11 -16.23
N ALA A 506 9.47 6.20 -15.93
CA ALA A 506 10.82 6.44 -16.39
C ALA A 506 11.72 5.29 -15.87
N LYS A 507 11.60 4.90 -14.59
CA LYS A 507 12.43 3.82 -14.08
C LYS A 507 12.15 2.50 -14.78
N THR A 508 10.87 2.20 -14.91
CA THR A 508 10.50 0.95 -15.54
C THR A 508 11.19 0.83 -16.89
N LEU A 509 11.13 1.89 -17.64
CA LEU A 509 11.71 1.94 -18.98
C LEU A 509 13.25 1.85 -18.97
N MET A 510 13.87 2.49 -18.02
CA MET A 510 15.34 2.45 -17.87
C MET A 510 15.84 1.05 -17.52
N TYR A 511 15.25 0.40 -16.51
CA TYR A 511 15.69 -0.97 -16.14
C TYR A 511 15.53 -1.88 -17.31
N TYR A 512 14.37 -1.78 -18.00
CA TYR A 512 14.14 -2.60 -19.17
C TYR A 512 15.13 -2.34 -20.30
N ALA A 513 15.39 -1.08 -20.52
CA ALA A 513 16.36 -0.72 -21.57
C ALA A 513 17.74 -1.19 -21.26
N LYS A 514 18.14 -1.08 -20.02
CA LYS A 514 19.50 -1.47 -19.62
C LYS A 514 19.75 -2.92 -20.02
N ARG A 515 18.82 -3.83 -19.64
CA ARG A 515 19.00 -5.24 -19.86
C ARG A 515 18.76 -5.55 -21.33
N SER A 516 17.72 -4.96 -21.95
CA SER A 516 17.30 -5.41 -23.29
C SER A 516 18.09 -4.75 -24.43
N GLY A 517 18.61 -3.57 -24.13
CA GLY A 517 19.20 -2.70 -25.15
C GLY A 517 18.17 -1.93 -25.96
N ASP A 518 16.89 -1.90 -25.54
CA ASP A 518 15.84 -1.31 -26.29
C ASP A 518 15.99 0.21 -26.40
N THR A 519 16.19 0.71 -27.61
CA THR A 519 16.51 2.12 -27.70
C THR A 519 15.24 3.06 -27.58
N THR A 520 14.08 2.60 -27.98
CA THR A 520 12.87 3.40 -27.88
C THR A 520 12.52 3.62 -26.41
N ALA A 521 12.64 2.56 -25.64
CA ALA A 521 12.40 2.62 -24.17
C ALA A 521 13.31 3.66 -23.51
N LEU A 522 14.61 3.61 -23.81
CA LEU A 522 15.52 4.54 -23.19
C LEU A 522 15.20 5.97 -23.62
N ALA A 523 14.87 6.13 -24.90
CA ALA A 523 14.54 7.50 -25.38
C ALA A 523 13.33 8.10 -24.68
N THR A 524 12.33 7.30 -24.43
CA THR A 524 11.16 7.75 -23.67
C THR A 524 11.53 8.12 -22.27
N ALA A 525 12.25 7.23 -21.58
CA ALA A 525 12.70 7.48 -20.24
C ALA A 525 13.45 8.79 -20.14
N GLU A 526 14.36 9.00 -21.10
CA GLU A 526 15.20 10.20 -21.04
C GLU A 526 14.31 11.44 -21.18
N GLY A 527 13.29 11.38 -22.05
CA GLY A 527 12.35 12.48 -22.22
C GLY A 527 11.52 12.77 -21.00
N LEU A 528 11.13 11.70 -20.28
CA LEU A 528 10.46 11.84 -18.99
C LEU A 528 11.34 12.47 -17.88
N LEU A 529 12.61 12.11 -17.82
CA LEU A 529 13.49 12.70 -16.82
C LEU A 529 13.71 14.20 -17.14
N ASP A 530 13.82 14.54 -18.43
CA ASP A 530 13.95 15.94 -18.80
C ASP A 530 12.71 16.69 -18.35
N ALA A 531 11.54 16.10 -18.62
CA ALA A 531 10.26 16.69 -18.25
C ALA A 531 10.17 16.97 -16.77
N LEU A 532 10.60 16.02 -15.94
CA LEU A 532 10.64 16.20 -14.49
C LEU A 532 11.51 17.37 -14.18
N LEU A 533 12.69 17.46 -14.77
CA LEU A 533 13.62 18.56 -14.43
C LEU A 533 13.05 19.93 -14.79
N ALA A 534 12.20 19.93 -15.79
CA ALA A 534 11.57 21.14 -16.28
C ALA A 534 10.54 21.69 -15.36
N HIS A 535 10.08 20.88 -14.40
N HIS A 535 10.07 20.90 -14.39
CA HIS A 535 9.04 21.27 -13.41
CA HIS A 535 9.05 21.34 -13.44
C HIS A 535 9.58 21.37 -11.95
C HIS A 535 9.56 21.40 -11.97
N ARG A 536 10.86 21.69 -11.78
CA ARG A 536 11.43 21.95 -10.46
C ARG A 536 10.83 23.22 -9.81
N ASP A 537 10.56 23.16 -8.53
CA ASP A 537 10.22 24.30 -7.71
C ASP A 537 11.06 24.29 -6.44
N SER A 538 10.80 25.20 -5.53
N SER A 538 10.79 25.19 -5.51
CA SER A 538 11.73 25.38 -4.41
CA SER A 538 11.68 25.40 -4.34
C SER A 538 11.82 24.14 -3.51
C SER A 538 11.77 24.25 -3.35
N ILE A 539 10.75 23.37 -3.40
CA ILE A 539 10.72 22.23 -2.49
C ILE A 539 10.66 20.87 -3.16
N GLY A 540 10.61 20.85 -4.50
CA GLY A 540 10.62 19.57 -5.19
C GLY A 540 10.44 19.72 -6.61
N ILE A 541 9.62 18.89 -7.22
CA ILE A 541 9.19 18.95 -8.63
C ILE A 541 7.66 18.74 -8.62
N ALA A 542 6.91 19.58 -9.32
CA ALA A 542 5.46 19.53 -9.23
C ALA A 542 4.86 20.07 -10.43
N THR A 543 3.65 19.59 -10.72
CA THR A 543 2.88 19.98 -11.90
C THR A 543 1.41 20.22 -11.49
N PRO A 544 0.69 21.06 -12.26
CA PRO A 544 -0.71 21.28 -11.90
C PRO A 544 -1.64 20.10 -11.90
N GLU A 545 -2.48 20.03 -10.86
CA GLU A 545 -3.58 19.05 -10.84
C GLU A 545 -4.84 19.77 -10.32
N GLN A 546 -5.97 19.20 -10.65
CA GLN A 546 -7.27 19.82 -10.30
C GLN A 546 -8.22 18.77 -9.74
N PRO A 547 -8.10 18.51 -8.43
CA PRO A 547 -8.88 17.45 -7.79
C PRO A 547 -10.37 17.83 -7.69
N SER A 548 -11.25 16.84 -7.53
N SER A 548 -11.12 16.84 -7.24
CA SER A 548 -12.67 17.14 -7.29
CA SER A 548 -12.57 16.95 -7.19
C SER A 548 -13.03 16.96 -5.82
C SER A 548 -12.95 17.00 -5.73
N TRP A 549 -13.98 17.76 -5.38
CA TRP A 549 -14.34 17.93 -3.98
C TRP A 549 -15.84 17.76 -3.68
N ASP A 550 -16.61 17.43 -4.66
CA ASP A 550 -18.04 17.47 -4.51
C ASP A 550 -18.56 16.46 -3.52
N ARG A 551 -17.82 15.43 -3.15
CA ARG A 551 -18.37 14.51 -2.13
C ARG A 551 -18.16 14.94 -0.68
N LEU A 552 -17.47 16.04 -0.47
N LEU A 552 -17.40 16.03 -0.47
CA LEU A 552 -17.12 16.36 0.88
CA LEU A 552 -17.10 16.57 0.87
C LEU A 552 -18.33 16.76 1.75
C LEU A 552 -18.34 16.75 1.74
N ASP A 553 -19.41 17.22 1.11
CA ASP A 553 -20.61 17.67 1.74
C ASP A 553 -21.80 16.78 1.53
N ASP A 554 -21.58 15.51 1.18
CA ASP A 554 -22.67 14.61 0.82
C ASP A 554 -23.04 13.72 2.00
N PRO A 555 -24.26 13.85 2.48
CA PRO A 555 -24.79 12.84 3.44
C PRO A 555 -25.22 11.56 2.73
N TRP A 556 -25.48 10.51 3.46
CA TRP A 556 -25.94 9.23 2.90
C TRP A 556 -27.28 9.45 2.21
N ASP A 557 -27.41 8.93 1.00
CA ASP A 557 -28.60 9.11 0.18
C ASP A 557 -29.25 7.79 -0.09
N GLY A 558 -28.86 6.75 0.64
CA GLY A 558 -29.31 5.42 0.38
C GLY A 558 -28.40 4.55 -0.45
N SER A 559 -27.36 5.11 -1.07
CA SER A 559 -26.31 4.32 -1.75
C SER A 559 -24.92 4.93 -1.65
N GLU A 560 -24.84 6.27 -1.59
CA GLU A 560 -23.55 6.99 -1.55
C GLU A 560 -23.59 8.01 -0.43
N GLY A 561 -22.40 8.43 0.04
CA GLY A 561 -22.29 9.42 1.12
C GLY A 561 -22.00 8.77 2.42
N LEU A 562 -21.85 9.56 3.47
CA LEU A 562 -21.43 9.03 4.77
C LEU A 562 -22.56 8.37 5.50
N TYR A 563 -22.49 7.04 5.62
CA TYR A 563 -23.45 6.30 6.41
C TYR A 563 -23.11 6.28 7.88
N VAL A 564 -24.16 6.45 8.77
CA VAL A 564 -24.09 6.23 10.17
C VAL A 564 -25.39 5.40 10.50
N PRO A 565 -25.26 4.35 11.32
CA PRO A 565 -26.48 3.57 11.73
C PRO A 565 -27.54 4.43 12.40
N PRO A 566 -28.80 4.14 12.05
CA PRO A 566 -29.92 4.86 12.72
C PRO A 566 -29.75 4.61 14.19
N GLY A 567 -29.98 5.63 14.96
CA GLY A 567 -29.84 5.48 16.40
C GLY A 567 -28.45 5.59 16.98
N TRP A 568 -27.43 5.61 16.10
CA TRP A 568 -26.06 5.69 16.59
C TRP A 568 -25.68 7.11 16.80
N SER A 569 -25.00 7.35 17.88
CA SER A 569 -24.57 8.72 18.17
C SER A 569 -23.24 8.69 18.91
N GLY A 570 -22.35 9.64 18.57
CA GLY A 570 -21.09 9.74 19.18
C GLY A 570 -20.41 11.03 18.77
N THR A 571 -19.24 11.27 19.31
CA THR A 571 -18.51 12.48 18.88
C THR A 571 -17.04 12.08 18.55
N MET A 572 -16.45 12.85 17.62
CA MET A 572 -15.05 12.76 17.36
C MET A 572 -14.34 13.46 18.52
N PRO A 573 -13.01 13.38 18.58
CA PRO A 573 -12.31 14.08 19.66
C PRO A 573 -12.51 15.57 19.75
N ASN A 574 -12.69 16.24 18.62
CA ASN A 574 -12.98 17.67 18.60
C ASN A 574 -14.43 17.99 18.87
N GLY A 575 -15.24 17.01 19.20
CA GLY A 575 -16.67 17.25 19.45
C GLY A 575 -17.59 17.15 18.22
N ASP A 576 -17.04 16.88 17.01
CA ASP A 576 -17.86 16.76 15.85
C ASP A 576 -18.87 15.58 16.05
N ARG A 577 -20.13 15.87 15.75
CA ARG A 577 -21.19 14.88 15.90
C ARG A 577 -21.22 13.81 14.84
N ILE A 578 -21.03 12.56 15.26
CA ILE A 578 -21.22 11.39 14.37
C ILE A 578 -22.65 10.88 14.56
N GLU A 579 -23.46 11.15 13.58
CA GLU A 579 -24.87 10.80 13.58
C GLU A 579 -25.36 10.74 12.13
N PRO A 580 -26.48 10.07 11.93
CA PRO A 580 -27.10 10.16 10.61
C PRO A 580 -27.30 11.53 10.11
N GLY A 581 -26.92 11.76 8.83
CA GLY A 581 -26.91 13.05 8.21
C GLY A 581 -25.55 13.82 8.26
N ALA A 582 -24.59 13.27 9.00
CA ALA A 582 -23.24 13.76 8.92
C ALA A 582 -22.67 13.65 7.53
N THR A 583 -21.57 14.37 7.33
CA THR A 583 -20.87 14.39 6.02
C THR A 583 -19.38 14.19 6.32
N PHE A 584 -18.64 13.88 5.29
CA PHE A 584 -17.15 13.82 5.40
C PHE A 584 -16.59 15.04 6.14
N LEU A 585 -17.08 16.20 5.75
CA LEU A 585 -16.65 17.43 6.35
C LEU A 585 -17.15 17.63 7.77
N SER A 586 -18.38 17.25 8.05
CA SER A 586 -18.90 17.49 9.38
C SER A 586 -18.25 16.65 10.48
N ILE A 587 -17.59 15.53 10.14
CA ILE A 587 -16.83 14.79 11.13
C ILE A 587 -15.33 15.02 11.00
N ARG A 588 -15.01 16.02 10.18
CA ARG A 588 -13.62 16.52 10.00
C ARG A 588 -13.61 18.08 9.92
N SER A 589 -14.25 18.70 10.93
CA SER A 589 -14.58 20.10 10.83
C SER A 589 -13.38 21.00 10.86
N PHE A 590 -12.29 20.46 11.33
CA PHE A 590 -10.99 21.14 11.26
C PHE A 590 -10.60 21.57 9.83
N TYR A 591 -11.10 20.87 8.83
CA TYR A 591 -10.84 21.20 7.45
C TYR A 591 -11.23 22.58 7.09
N LYS A 592 -12.19 23.17 7.77
CA LYS A 592 -12.59 24.54 7.45
C LYS A 592 -11.52 25.53 7.82
N ASN A 593 -10.51 25.14 8.57
CA ASN A 593 -9.39 26.04 8.84
C ASN A 593 -8.23 25.88 7.89
N ASP A 594 -8.34 24.95 6.94
CA ASP A 594 -7.24 24.67 6.01
C ASP A 594 -7.01 25.82 5.07
N PRO A 595 -5.76 26.12 4.72
CA PRO A 595 -5.60 27.21 3.75
C PRO A 595 -6.25 27.03 2.41
N LEU A 596 -6.48 25.76 1.99
CA LEU A 596 -7.15 25.57 0.67
C LEU A 596 -8.66 25.67 0.76
N TRP A 597 -9.19 25.60 1.96
CA TRP A 597 -10.61 25.48 2.16
C TRP A 597 -11.41 26.60 1.45
N PRO A 598 -10.99 27.87 1.63
CA PRO A 598 -11.82 28.87 0.98
C PRO A 598 -12.00 28.70 -0.53
N GLN A 599 -10.88 28.35 -1.21
CA GLN A 599 -10.97 28.09 -2.64
C GLN A 599 -11.86 26.88 -2.99
N VAL A 600 -11.79 25.81 -2.18
CA VAL A 600 -12.67 24.64 -2.38
C VAL A 600 -14.14 25.07 -2.22
N GLU A 601 -14.44 25.74 -1.08
CA GLU A 601 -15.82 26.09 -0.85
C GLU A 601 -16.36 27.09 -1.91
N ALA A 602 -15.53 28.02 -2.33
CA ALA A 602 -15.89 29.03 -3.36
C ALA A 602 -16.21 28.30 -4.65
N HIS A 603 -15.47 27.24 -4.99
CA HIS A 603 -15.85 26.50 -6.17
C HIS A 603 -17.16 25.74 -5.99
N LEU A 604 -17.36 25.13 -4.84
CA LEU A 604 -18.53 24.35 -4.60
C LEU A 604 -19.74 25.31 -4.53
N ASN A 605 -19.52 26.56 -4.10
CA ASN A 605 -20.56 27.52 -4.08
C ASN A 605 -21.01 27.94 -5.46
N ASP A 606 -20.21 27.77 -6.48
CA ASP A 606 -20.54 28.38 -7.78
C ASP A 606 -19.74 27.63 -8.87
N PRO A 607 -20.02 26.38 -9.04
CA PRO A 607 -19.00 25.58 -9.79
C PRO A 607 -18.99 25.90 -11.28
N GLN A 608 -20.06 26.49 -11.79
CA GLN A 608 -20.04 26.96 -13.21
C GLN A 608 -19.15 28.15 -13.47
N ASN A 609 -18.88 28.97 -12.47
CA ASN A 609 -18.23 30.20 -12.64
C ASN A 609 -16.91 30.31 -11.91
N VAL A 610 -16.72 29.48 -10.87
CA VAL A 610 -15.47 29.54 -10.11
C VAL A 610 -14.91 28.14 -10.29
N PRO A 611 -13.73 28.04 -10.97
CA PRO A 611 -13.25 26.70 -11.22
C PRO A 611 -12.67 26.08 -9.93
N ALA A 612 -12.56 24.77 -9.93
CA ALA A 612 -11.93 24.05 -8.87
C ALA A 612 -10.45 24.46 -8.76
N PRO A 613 -9.91 24.52 -7.54
CA PRO A 613 -8.55 25.00 -7.42
C PRO A 613 -7.58 24.05 -8.19
N ILE A 614 -6.60 24.69 -8.78
CA ILE A 614 -5.46 23.99 -9.41
C ILE A 614 -4.31 24.12 -8.46
N VAL A 615 -3.75 22.95 -8.08
CA VAL A 615 -2.76 22.89 -7.01
C VAL A 615 -1.50 22.21 -7.56
N GLU A 616 -0.38 22.46 -6.91
CA GLU A 616 0.88 21.83 -7.28
C GLU A 616 1.35 21.09 -6.02
N ARG A 617 1.06 19.76 -5.92
CA ARG A 617 1.23 19.04 -4.69
C ARG A 617 2.63 18.34 -4.63
N HIS A 618 3.09 18.18 -3.41
CA HIS A 618 4.40 17.55 -3.08
C HIS A 618 4.06 16.37 -2.17
N ARG A 619 3.66 15.22 -2.76
CA ARG A 619 3.44 13.93 -2.10
C ARG A 619 4.80 13.33 -1.80
N PHE A 620 4.98 12.92 -0.58
CA PHE A 620 6.30 12.34 -0.19
C PHE A 620 6.78 11.23 -1.12
N TRP A 621 5.93 10.27 -1.34
CA TRP A 621 6.27 9.11 -2.14
C TRP A 621 6.65 9.58 -3.52
N ALA A 622 5.96 10.53 -4.08
CA ALA A 622 6.19 10.96 -5.46
C ALA A 622 7.54 11.67 -5.55
N GLN A 623 7.81 12.55 -4.55
CA GLN A 623 9.07 13.27 -4.56
C GLN A 623 10.23 12.32 -4.42
N VAL A 624 10.10 11.28 -3.59
CA VAL A 624 11.13 10.22 -3.50
C VAL A 624 11.21 9.48 -4.82
N GLU A 625 10.08 9.15 -5.43
CA GLU A 625 10.05 8.41 -6.69
C GLU A 625 10.91 9.12 -7.69
N ILE A 626 10.75 10.46 -7.76
CA ILE A 626 11.56 11.29 -8.64
C ILE A 626 13.09 11.17 -8.31
N ALA A 627 13.41 11.43 -7.05
CA ALA A 627 14.81 11.30 -6.62
C ALA A 627 15.37 9.96 -7.06
N THR A 628 14.64 8.87 -6.83
CA THR A 628 15.13 7.51 -7.18
C THR A 628 15.27 7.38 -8.70
N ALA A 629 14.47 8.05 -9.50
CA ALA A 629 14.56 7.96 -10.96
C ALA A 629 15.88 8.62 -11.42
N PHE A 630 16.18 9.76 -10.84
CA PHE A 630 17.46 10.41 -11.14
C PHE A 630 18.65 9.57 -10.74
N ALA A 631 18.57 9.07 -9.51
CA ALA A 631 19.65 8.16 -9.05
C ALA A 631 19.78 6.91 -9.89
N ALA A 632 18.66 6.28 -10.29
CA ALA A 632 18.68 5.09 -11.12
C ALA A 632 19.37 5.39 -12.43
N HIS A 633 19.13 6.56 -12.98
CA HIS A 633 19.72 6.88 -14.28
C HIS A 633 21.24 6.72 -14.18
N ASP A 634 21.87 7.29 -13.17
CA ASP A 634 23.34 7.18 -13.12
C ASP A 634 23.83 5.80 -12.70
N GLU A 635 23.06 5.09 -11.86
CA GLU A 635 23.32 3.70 -11.51
C GLU A 635 23.39 2.84 -12.76
N LEU A 636 22.48 3.06 -13.68
CA LEU A 636 22.32 2.21 -14.87
C LEU A 636 23.17 2.67 -16.04
N PHE A 637 23.34 4.01 -16.15
CA PHE A 637 23.93 4.56 -17.38
C PHE A 637 25.15 5.41 -17.12
N GLY A 638 25.43 5.73 -15.88
CA GLY A 638 26.73 6.37 -15.51
C GLY A 638 26.37 7.83 -15.56
#